data_1FGH
#
_entry.id   1FGH
#
_cell.length_a   185.900
_cell.length_b   71.800
_cell.length_c   72.200
_cell.angle_alpha   90.00
_cell.angle_beta   90.00
_cell.angle_gamma   77.70
#
_symmetry.space_group_name_H-M   'B 1 1 2'
#
loop_
_entity.id
_entity.type
_entity.pdbx_description
1 polymer ACONITASE
2 non-polymer 'IRON/SULFUR CLUSTER'
3 non-polymer '4-HYDROXY-ACONITATE ION'
4 water water
#
_entity_poly.entity_id   1
_entity_poly.type   'polypeptide(L)'
_entity_poly.pdbx_seq_one_letter_code
;(PCA)RAKVAMSHFEPHEYIRYDLLEKNIDIVRKRLNRPLTLSEKIVYGHLDDPANQEIERGKTYLRLRPDRVAMQDATA
QMAMLQFISSGLPKVAVPSTIHCDHLIEAQLGGEKDLRRAKDINQEVYNFLATAGAKYGVGFWRPGSGIIHQIILENYAY
PGVLLIGTDSHTPNGGGLGGICIGVGGADAVDVMAGIPWELKCPKVIGVKLTGSLSGWTSPKDVILKVAGILTVKGGTGA
IVEYHGPGVDSISCTGMATICNMGAEIGATTSVFPYNHRMKKYLSKTGRADIANLADEFKDHLVPDSGCHYDQLIEINLS
ELKPHINGPFTPDLAHPVAEVGSVAEKEGWPLDIRVGLIGSCTNSSYEDMGRSAAVAKQALAHGLKCKSQFTITPGSEQI
RATIERDGYAQVLRDVGGIVLANACGPCIGQWDRKDIKKGEKNTIVTSYNRNFTGRNDANPETHAFVTSPEIVTALAIAG
TLKFNPETDFLTGKDGKKFKLEAPDADELPRAEFDPGQDTYQHPPKDSSGQRVDVSPTSQRLQLLEPFDKWDGKDLEDLQ
ILIKVKGKCTTDHISAAGPWLKFRGHLDNISNNLLIGAINSENRKANSVRNAVTQEFGPVPDTARYYKQHGIRWVVIGDE
NYGEGSSREHSALEPRFLGGRAIITKSFARIHETNLKKQGLLPLTFADPADYNKIHPVDKLTIQGLKDFAPGKPLTCIIK
HPNGTQETILLNHTFNETQIEWFRAGSALNRMKELQQK
;
_entity_poly.pdbx_strand_id   A
#
# COMPACT_ATOMS: atom_id res chain seq x y z
N ARG A 2 5.78 -17.22 -30.83
CA ARG A 2 6.29 -18.07 -29.77
C ARG A 2 4.97 -18.78 -29.43
N ALA A 3 4.70 -18.92 -28.13
CA ALA A 3 3.49 -19.45 -27.61
C ALA A 3 2.54 -18.23 -27.72
N LYS A 4 1.24 -18.43 -27.82
CA LYS A 4 0.29 -17.37 -27.80
C LYS A 4 -0.54 -17.68 -26.57
N VAL A 5 -0.04 -17.36 -25.38
CA VAL A 5 -0.78 -17.59 -24.14
C VAL A 5 -1.29 -16.23 -23.60
N ALA A 6 -2.59 -16.07 -23.40
CA ALA A 6 -3.17 -14.80 -22.99
C ALA A 6 -2.75 -14.50 -21.57
N MET A 7 -2.58 -13.20 -21.34
CA MET A 7 -2.29 -12.63 -20.02
C MET A 7 -3.37 -12.89 -18.98
N SER A 8 -4.64 -13.01 -19.32
CA SER A 8 -5.67 -13.34 -18.35
C SER A 8 -6.83 -13.93 -19.19
N HIS A 9 -7.88 -14.37 -18.51
CA HIS A 9 -9.09 -14.87 -19.13
C HIS A 9 -9.88 -13.74 -19.74
N PHE A 10 -9.62 -12.49 -19.36
CA PHE A 10 -10.41 -11.38 -19.86
C PHE A 10 -9.76 -10.68 -21.03
N GLU A 11 -8.49 -10.97 -21.35
CA GLU A 11 -7.80 -10.32 -22.44
C GLU A 11 -7.18 -11.38 -23.34
N PRO A 12 -8.01 -12.07 -24.15
CA PRO A 12 -7.60 -13.27 -24.89
C PRO A 12 -6.55 -13.06 -25.99
N HIS A 13 -6.36 -11.78 -26.28
CA HIS A 13 -5.56 -11.26 -27.38
C HIS A 13 -4.29 -10.59 -26.90
N GLU A 14 -4.07 -10.50 -25.58
CA GLU A 14 -2.89 -9.85 -25.03
C GLU A 14 -2.02 -11.01 -24.65
N TYR A 15 -0.90 -11.25 -25.28
CA TYR A 15 -0.11 -12.44 -24.96
C TYR A 15 1.04 -12.19 -24.03
N ILE A 16 1.42 -13.19 -23.23
CA ILE A 16 2.57 -13.08 -22.37
C ILE A 16 3.82 -13.06 -23.21
N ARG A 17 4.74 -12.14 -22.95
CA ARG A 17 5.93 -12.02 -23.76
C ARG A 17 7.17 -12.46 -23.04
N TYR A 18 7.30 -13.74 -22.71
CA TYR A 18 8.53 -14.21 -22.06
C TYR A 18 9.70 -14.19 -23.07
N ASP A 19 9.41 -14.20 -24.36
CA ASP A 19 10.42 -14.14 -25.43
C ASP A 19 11.15 -12.81 -25.36
N LEU A 20 10.38 -11.76 -25.17
CA LEU A 20 10.83 -10.40 -24.96
C LEU A 20 11.69 -10.30 -23.70
N LEU A 21 11.18 -10.87 -22.60
CA LEU A 21 11.90 -10.89 -21.32
C LEU A 21 13.28 -11.57 -21.45
N GLU A 22 13.32 -12.72 -22.10
CA GLU A 22 14.54 -13.49 -22.31
C GLU A 22 15.53 -12.65 -23.12
N LYS A 23 15.03 -12.10 -24.20
CA LYS A 23 15.79 -11.24 -25.07
C LYS A 23 16.44 -10.11 -24.32
N ASN A 24 15.69 -9.43 -23.47
CA ASN A 24 16.24 -8.32 -22.71
C ASN A 24 17.20 -8.76 -21.62
N ILE A 25 16.95 -9.86 -20.91
CA ILE A 25 17.86 -10.35 -19.87
C ILE A 25 19.21 -10.65 -20.52
N ASP A 26 19.14 -11.25 -21.69
CA ASP A 26 20.35 -11.53 -22.39
C ASP A 26 21.10 -10.33 -22.87
N ILE A 27 20.48 -9.22 -23.29
CA ILE A 27 21.26 -8.04 -23.61
C ILE A 27 21.99 -7.52 -22.37
N VAL A 28 21.25 -7.39 -21.27
CA VAL A 28 21.78 -6.84 -20.03
C VAL A 28 22.88 -7.72 -19.42
N ARG A 29 22.75 -9.05 -19.41
CA ARG A 29 23.80 -9.81 -18.75
C ARG A 29 25.07 -9.80 -19.59
N LYS A 30 25.04 -9.62 -20.89
CA LYS A 30 26.26 -9.48 -21.68
C LYS A 30 26.93 -8.14 -21.34
N ARG A 31 26.15 -7.16 -20.89
CA ARG A 31 26.75 -5.90 -20.51
C ARG A 31 27.33 -6.00 -19.11
N LEU A 32 26.66 -6.70 -18.18
CA LEU A 32 27.09 -6.69 -16.78
C LEU A 32 28.03 -7.81 -16.43
N ASN A 33 28.01 -8.93 -17.14
CA ASN A 33 28.90 -10.06 -16.87
C ASN A 33 28.97 -10.48 -15.42
N ARG A 34 27.78 -10.63 -14.81
CA ARG A 34 27.73 -11.07 -13.43
C ARG A 34 26.38 -11.75 -13.26
N PRO A 35 26.19 -12.61 -12.25
CA PRO A 35 24.90 -13.22 -11.95
C PRO A 35 23.88 -12.14 -11.59
N LEU A 36 22.64 -12.35 -11.96
CA LEU A 36 21.55 -11.43 -11.71
C LEU A 36 20.62 -12.01 -10.66
N THR A 37 20.10 -11.22 -9.72
CA THR A 37 19.09 -11.73 -8.82
C THR A 37 17.79 -11.97 -9.60
N LEU A 38 16.76 -12.57 -9.03
CA LEU A 38 15.49 -12.70 -9.72
C LEU A 38 14.86 -11.33 -9.96
N SER A 39 14.91 -10.39 -9.02
CA SER A 39 14.23 -9.12 -9.26
C SER A 39 14.95 -8.34 -10.36
N GLU A 40 16.29 -8.47 -10.50
CA GLU A 40 17.08 -7.87 -11.57
C GLU A 40 16.66 -8.51 -12.86
N LYS A 41 16.47 -9.82 -12.97
CA LYS A 41 16.02 -10.41 -14.23
C LYS A 41 14.66 -9.88 -14.67
N ILE A 42 13.65 -9.78 -13.79
CA ILE A 42 12.36 -9.27 -14.23
C ILE A 42 12.33 -7.74 -14.47
N VAL A 43 12.95 -6.97 -13.61
CA VAL A 43 12.97 -5.53 -13.78
C VAL A 43 13.84 -5.19 -15.01
N TYR A 44 15.10 -5.65 -15.10
CA TYR A 44 15.94 -5.29 -16.27
C TYR A 44 15.37 -5.92 -17.50
N GLY A 45 14.66 -7.04 -17.42
CA GLY A 45 13.99 -7.64 -18.58
C GLY A 45 12.85 -6.78 -19.11
N HIS A 46 12.39 -5.76 -18.37
CA HIS A 46 11.30 -4.88 -18.83
C HIS A 46 11.82 -3.47 -19.16
N LEU A 47 13.12 -3.32 -19.37
CA LEU A 47 13.72 -2.05 -19.71
C LEU A 47 13.29 -1.57 -21.09
N ASP A 48 13.04 -0.26 -21.21
CA ASP A 48 12.64 0.29 -22.49
C ASP A 48 13.85 0.21 -23.44
N ASP A 49 15.06 0.40 -22.91
CA ASP A 49 16.26 0.37 -23.72
C ASP A 49 17.39 -0.44 -23.07
N PRO A 50 17.35 -1.78 -23.08
CA PRO A 50 18.30 -2.62 -22.35
C PRO A 50 19.75 -2.41 -22.79
N ALA A 51 19.97 -2.03 -24.04
CA ALA A 51 21.32 -1.85 -24.53
C ALA A 51 21.96 -0.60 -23.99
N ASN A 52 21.19 0.46 -23.73
CA ASN A 52 21.84 1.71 -23.36
C ASN A 52 21.60 2.18 -21.95
N GLN A 53 20.61 1.60 -21.27
CA GLN A 53 20.31 1.95 -19.90
C GLN A 53 21.49 1.80 -18.95
N GLU A 54 21.83 2.85 -18.21
CA GLU A 54 22.82 2.82 -17.14
C GLU A 54 22.17 2.11 -15.95
N ILE A 55 22.80 1.09 -15.42
CA ILE A 55 22.26 0.25 -14.39
C ILE A 55 23.22 0.30 -13.23
N GLU A 56 22.93 1.02 -12.14
CA GLU A 56 23.75 0.98 -10.92
C GLU A 56 22.75 0.87 -9.78
N ARG A 57 22.79 -0.17 -8.96
CA ARG A 57 21.81 -0.35 -7.87
C ARG A 57 21.86 0.82 -6.90
N GLY A 58 20.70 1.39 -6.63
CA GLY A 58 20.56 2.50 -5.75
C GLY A 58 20.92 3.80 -6.44
N LYS A 59 21.31 3.89 -7.72
CA LYS A 59 21.76 5.14 -8.26
C LYS A 59 21.09 5.60 -9.50
N THR A 60 20.87 4.76 -10.49
CA THR A 60 20.30 5.25 -11.74
C THR A 60 18.77 5.14 -11.75
N TYR A 61 18.07 5.88 -12.58
CA TYR A 61 16.63 5.78 -12.76
C TYR A 61 16.52 4.95 -14.03
N LEU A 62 15.74 3.88 -13.92
CA LEU A 62 15.45 2.93 -14.97
C LEU A 62 14.17 3.36 -15.64
N ARG A 63 14.15 3.26 -16.96
CA ARG A 63 12.98 3.55 -17.77
C ARG A 63 12.44 2.19 -18.15
N LEU A 64 11.21 1.91 -17.73
CA LEU A 64 10.62 0.59 -17.78
C LEU A 64 9.30 0.62 -18.50
N ARG A 65 8.93 -0.56 -18.96
CA ARG A 65 7.67 -0.77 -19.64
C ARG A 65 6.82 -1.79 -18.90
N PRO A 66 5.94 -1.39 -17.95
CA PRO A 66 5.01 -2.33 -17.31
C PRO A 66 4.06 -3.04 -18.27
N ASP A 67 3.66 -4.25 -17.86
CA ASP A 67 2.71 -5.03 -18.60
C ASP A 67 1.28 -4.62 -18.36
N ARG A 68 0.89 -4.21 -17.15
CA ARG A 68 -0.50 -3.84 -16.91
C ARG A 68 -0.57 -2.92 -15.71
N VAL A 69 -1.74 -2.27 -15.56
CA VAL A 69 -2.00 -1.27 -14.52
C VAL A 69 -3.27 -1.69 -13.78
N ALA A 70 -3.28 -1.64 -12.45
CA ALA A 70 -4.44 -1.96 -11.66
C ALA A 70 -4.73 -0.79 -10.71
N MET A 71 -6.00 -0.40 -10.56
CA MET A 71 -6.34 0.72 -9.69
C MET A 71 -7.44 0.34 -8.73
N GLN A 72 -7.49 0.83 -7.51
CA GLN A 72 -8.65 0.53 -6.65
C GLN A 72 -9.45 1.81 -6.57
N ASP A 73 -10.74 1.78 -6.25
CA ASP A 73 -11.58 2.96 -6.36
C ASP A 73 -11.30 4.15 -5.46
N ALA A 74 -10.53 4.07 -4.38
CA ALA A 74 -10.17 5.25 -3.62
C ALA A 74 -9.01 5.98 -4.27
N THR A 75 -8.19 5.37 -5.14
CA THR A 75 -7.14 6.13 -5.85
C THR A 75 -7.43 6.24 -7.35
N ALA A 76 -8.36 5.41 -7.89
CA ALA A 76 -8.64 5.43 -9.31
C ALA A 76 -9.33 6.72 -9.70
N GLN A 77 -10.12 7.33 -8.79
CA GLN A 77 -10.83 8.54 -9.19
C GLN A 77 -9.90 9.68 -9.61
N MET A 78 -8.83 9.90 -8.83
CA MET A 78 -7.92 10.98 -9.09
C MET A 78 -6.94 10.54 -10.17
N ALA A 79 -6.58 9.26 -10.33
CA ALA A 79 -5.77 8.82 -11.46
C ALA A 79 -6.59 9.06 -12.76
N MET A 80 -7.89 8.73 -12.81
CA MET A 80 -8.69 8.97 -13.99
C MET A 80 -8.97 10.46 -14.23
N LEU A 81 -9.14 11.34 -13.22
CA LEU A 81 -9.28 12.77 -13.47
C LEU A 81 -8.00 13.33 -14.07
N GLN A 82 -6.81 12.87 -13.68
CA GLN A 82 -5.60 13.33 -14.30
C GLN A 82 -5.52 12.79 -15.72
N PHE A 83 -5.93 11.53 -15.98
CA PHE A 83 -5.97 10.95 -17.31
C PHE A 83 -6.92 11.72 -18.22
N ILE A 84 -8.08 12.09 -17.68
CA ILE A 84 -9.01 12.93 -18.43
C ILE A 84 -8.33 14.27 -18.78
N SER A 85 -7.57 14.98 -17.91
CA SER A 85 -6.87 16.20 -18.31
C SER A 85 -5.89 15.96 -19.42
N SER A 86 -5.22 14.81 -19.50
CA SER A 86 -4.21 14.56 -20.52
C SER A 86 -4.84 14.66 -21.92
N GLY A 87 -6.11 14.30 -22.05
CA GLY A 87 -6.81 14.39 -23.30
C GLY A 87 -6.59 13.14 -24.13
N LEU A 88 -5.75 12.18 -23.71
CA LEU A 88 -5.53 10.94 -24.46
C LEU A 88 -6.76 10.07 -24.57
N PRO A 89 -7.04 9.40 -25.69
CA PRO A 89 -8.34 8.81 -25.95
C PRO A 89 -8.55 7.45 -25.35
N LYS A 90 -7.49 6.72 -25.01
CA LYS A 90 -7.58 5.32 -24.64
C LYS A 90 -6.32 4.97 -23.85
N VAL A 91 -6.40 3.98 -22.93
CA VAL A 91 -5.22 3.51 -22.19
C VAL A 91 -4.40 2.60 -23.09
N ALA A 92 -3.09 2.66 -22.96
CA ALA A 92 -2.16 1.94 -23.80
C ALA A 92 -1.82 0.54 -23.35
N VAL A 93 -2.10 0.12 -22.10
CA VAL A 93 -1.78 -1.24 -21.64
C VAL A 93 -3.02 -1.78 -20.93
N PRO A 94 -3.22 -3.08 -20.74
CA PRO A 94 -4.33 -3.66 -19.97
C PRO A 94 -4.41 -2.99 -18.60
N SER A 95 -5.59 -2.48 -18.24
CA SER A 95 -5.82 -1.69 -17.03
C SER A 95 -7.12 -2.09 -16.37
N THR A 96 -7.24 -2.08 -15.03
CA THR A 96 -8.46 -2.44 -14.33
C THR A 96 -8.70 -1.48 -13.17
N ILE A 97 -9.98 -1.29 -12.88
CA ILE A 97 -10.47 -0.61 -11.69
C ILE A 97 -11.17 -1.63 -10.80
N HIS A 98 -10.90 -1.57 -9.49
CA HIS A 98 -11.43 -2.50 -8.49
C HIS A 98 -12.19 -1.72 -7.43
N CYS A 99 -13.44 -2.03 -7.18
CA CYS A 99 -14.24 -1.26 -6.26
C CYS A 99 -14.31 -1.96 -4.94
N ASP A 100 -13.35 -1.64 -4.07
CA ASP A 100 -13.19 -2.32 -2.80
C ASP A 100 -13.02 -1.41 -1.57
N HIS A 101 -12.78 -0.09 -1.72
CA HIS A 101 -12.45 0.77 -0.60
C HIS A 101 -13.60 1.56 -0.01
N LEU A 102 -14.76 1.56 -0.64
CA LEU A 102 -15.80 2.46 -0.22
C LEU A 102 -17.00 1.77 0.43
N ILE A 103 -16.88 0.50 0.83
CA ILE A 103 -17.98 -0.26 1.40
C ILE A 103 -17.75 -0.26 2.91
N GLU A 104 -18.61 0.46 3.63
CA GLU A 104 -18.52 0.61 5.06
C GLU A 104 -19.08 -0.60 5.82
N ALA A 105 -18.32 -1.12 6.79
CA ALA A 105 -18.81 -2.18 7.66
C ALA A 105 -19.76 -1.62 8.73
N GLN A 106 -20.95 -2.19 8.78
CA GLN A 106 -21.96 -1.79 9.73
C GLN A 106 -22.86 -2.98 10.06
N LEU A 107 -23.63 -3.46 9.12
CA LEU A 107 -24.64 -4.51 9.26
C LEU A 107 -24.14 -5.89 8.83
N GLY A 108 -22.97 -5.95 8.20
CA GLY A 108 -22.41 -7.18 7.64
C GLY A 108 -22.81 -7.36 6.15
N GLY A 109 -22.08 -8.27 5.50
CA GLY A 109 -22.23 -8.71 4.12
C GLY A 109 -23.09 -7.96 3.09
N GLU A 110 -24.22 -8.61 2.77
CA GLU A 110 -25.16 -8.16 1.74
C GLU A 110 -25.80 -6.79 2.01
N LYS A 111 -26.17 -6.55 3.25
CA LYS A 111 -26.81 -5.30 3.63
C LYS A 111 -25.78 -4.19 3.46
N ASP A 112 -24.53 -4.34 3.89
CA ASP A 112 -23.54 -3.29 3.67
C ASP A 112 -23.26 -3.05 2.22
N LEU A 113 -23.24 -4.09 1.39
CA LEU A 113 -22.97 -3.91 -0.02
C LEU A 113 -24.11 -3.16 -0.71
N ARG A 114 -25.34 -3.51 -0.38
CA ARG A 114 -26.50 -2.83 -0.98
C ARG A 114 -26.50 -1.35 -0.61
N ARG A 115 -26.18 -1.06 0.65
CA ARG A 115 -26.09 0.32 1.11
C ARG A 115 -24.93 1.06 0.44
N ALA A 116 -23.74 0.46 0.32
CA ALA A 116 -22.65 1.16 -0.36
C ALA A 116 -23.01 1.49 -1.81
N LYS A 117 -23.73 0.63 -2.52
CA LYS A 117 -24.12 0.89 -3.89
C LYS A 117 -25.09 2.06 -4.03
N ASP A 118 -25.89 2.33 -3.01
CA ASP A 118 -26.80 3.47 -3.06
C ASP A 118 -26.02 4.75 -2.75
N ILE A 119 -25.38 4.73 -1.60
CA ILE A 119 -24.55 5.83 -1.14
C ILE A 119 -23.46 6.23 -2.14
N ASN A 120 -22.78 5.29 -2.83
CA ASN A 120 -21.62 5.65 -3.64
C ASN A 120 -21.91 5.62 -5.11
N GLN A 121 -23.19 5.65 -5.45
CA GLN A 121 -23.66 5.58 -6.83
C GLN A 121 -22.95 6.54 -7.78
N GLU A 122 -22.82 7.80 -7.35
CA GLU A 122 -22.15 8.84 -8.12
C GLU A 122 -20.76 8.44 -8.55
N VAL A 123 -20.02 7.95 -7.58
CA VAL A 123 -18.65 7.56 -7.80
C VAL A 123 -18.52 6.27 -8.61
N TYR A 124 -19.30 5.22 -8.31
CA TYR A 124 -19.24 3.98 -9.06
C TYR A 124 -19.67 4.23 -10.48
N ASN A 125 -20.58 5.15 -10.71
CA ASN A 125 -21.04 5.51 -12.04
C ASN A 125 -19.95 6.15 -12.86
N PHE A 126 -19.24 7.06 -12.19
CA PHE A 126 -18.13 7.76 -12.79
C PHE A 126 -17.07 6.76 -13.17
N LEU A 127 -16.69 5.87 -12.27
CA LEU A 127 -15.61 4.96 -12.61
C LEU A 127 -16.03 3.98 -13.68
N ALA A 128 -17.25 3.44 -13.67
CA ALA A 128 -17.70 2.52 -14.72
C ALA A 128 -17.75 3.21 -16.07
N THR A 129 -18.21 4.47 -16.11
CA THR A 129 -18.30 5.22 -17.36
C THR A 129 -16.93 5.57 -17.90
N ALA A 130 -16.04 6.04 -17.05
CA ALA A 130 -14.72 6.40 -17.52
C ALA A 130 -14.02 5.10 -17.93
N GLY A 131 -14.25 3.98 -17.24
CA GLY A 131 -13.63 2.72 -17.60
C GLY A 131 -14.11 2.29 -18.97
N ALA A 132 -15.39 2.41 -19.27
CA ALA A 132 -15.94 2.11 -20.59
C ALA A 132 -15.42 3.00 -21.72
N LYS A 133 -15.23 4.29 -21.44
CA LYS A 133 -14.74 5.23 -22.41
C LYS A 133 -13.28 5.00 -22.72
N TYR A 134 -12.42 4.80 -21.73
CA TYR A 134 -10.99 4.70 -21.97
C TYR A 134 -10.42 3.29 -22.12
N GLY A 135 -11.31 2.29 -22.08
CA GLY A 135 -10.93 0.91 -22.29
C GLY A 135 -10.30 0.28 -21.06
N VAL A 136 -10.87 0.47 -19.85
CA VAL A 136 -10.34 -0.04 -18.60
C VAL A 136 -11.35 -1.07 -18.09
N GLY A 137 -10.95 -2.29 -17.74
CA GLY A 137 -11.85 -3.28 -17.16
C GLY A 137 -12.34 -2.85 -15.78
N PHE A 138 -13.56 -3.20 -15.38
CA PHE A 138 -14.13 -2.70 -14.12
C PHE A 138 -14.66 -3.87 -13.30
N TRP A 139 -14.15 -4.04 -12.07
CA TRP A 139 -14.60 -5.06 -11.16
C TRP A 139 -15.55 -4.34 -10.21
N ARG A 140 -16.80 -4.77 -10.23
CA ARG A 140 -17.89 -4.12 -9.53
C ARG A 140 -17.79 -4.21 -8.01
N PRO A 141 -18.45 -3.34 -7.21
CA PRO A 141 -18.45 -3.43 -5.75
C PRO A 141 -18.92 -4.80 -5.36
N GLY A 142 -18.21 -5.42 -4.44
CA GLY A 142 -18.56 -6.76 -4.05
C GLY A 142 -17.57 -7.78 -4.61
N SER A 143 -16.85 -7.47 -5.71
CA SER A 143 -15.91 -8.38 -6.39
C SER A 143 -14.79 -8.84 -5.50
N GLY A 144 -14.20 -7.98 -4.67
CA GLY A 144 -13.16 -8.34 -3.73
C GLY A 144 -12.14 -7.25 -3.60
N ILE A 145 -11.22 -7.48 -2.66
CA ILE A 145 -10.12 -6.55 -2.41
C ILE A 145 -9.20 -6.70 -3.63
N ILE A 146 -8.68 -5.58 -4.13
CA ILE A 146 -7.87 -5.51 -5.34
C ILE A 146 -6.80 -6.57 -5.44
N HIS A 147 -6.03 -6.82 -4.38
CA HIS A 147 -4.88 -7.67 -4.50
C HIS A 147 -5.23 -9.14 -4.58
N GLN A 148 -6.39 -9.51 -4.04
CA GLN A 148 -6.87 -10.88 -4.09
C GLN A 148 -7.42 -11.09 -5.50
N ILE A 149 -8.14 -10.15 -6.10
CA ILE A 149 -8.56 -10.30 -7.51
C ILE A 149 -7.33 -10.36 -8.44
N ILE A 150 -6.27 -9.60 -8.13
CA ILE A 150 -5.10 -9.65 -8.95
C ILE A 150 -4.44 -10.99 -8.81
N LEU A 151 -4.25 -11.60 -7.63
CA LEU A 151 -3.54 -12.85 -7.55
C LEU A 151 -4.32 -13.94 -8.25
N GLU A 152 -5.64 -13.86 -8.14
CA GLU A 152 -6.51 -14.84 -8.74
C GLU A 152 -6.66 -14.77 -10.25
N ASN A 153 -6.44 -13.60 -10.85
CA ASN A 153 -6.73 -13.41 -12.28
C ASN A 153 -5.65 -12.82 -13.15
N TYR A 154 -4.78 -12.04 -12.54
CA TYR A 154 -3.85 -11.20 -13.28
C TYR A 154 -2.37 -11.31 -13.04
N ALA A 155 -1.95 -11.71 -11.84
CA ALA A 155 -0.53 -11.84 -11.55
C ALA A 155 0.01 -13.15 -12.14
N TYR A 156 1.21 -13.15 -12.68
CA TYR A 156 1.80 -14.41 -13.14
C TYR A 156 3.32 -14.27 -13.03
N PRO A 157 4.12 -15.35 -13.03
CA PRO A 157 5.56 -15.27 -12.91
C PRO A 157 6.17 -14.36 -13.99
N GLY A 158 7.00 -13.40 -13.61
CA GLY A 158 7.67 -12.52 -14.57
C GLY A 158 6.88 -11.28 -15.02
N VAL A 159 5.65 -11.05 -14.55
CA VAL A 159 4.91 -9.85 -14.92
C VAL A 159 5.56 -8.65 -14.25
N LEU A 160 5.46 -7.46 -14.83
CA LEU A 160 5.83 -6.26 -14.14
C LEU A 160 4.48 -5.53 -14.11
N LEU A 161 3.90 -5.41 -12.94
CA LEU A 161 2.57 -4.82 -12.80
C LEU A 161 2.67 -3.56 -11.92
N ILE A 162 2.07 -2.40 -12.22
CA ILE A 162 2.09 -1.33 -11.25
C ILE A 162 0.66 -1.11 -10.78
N GLY A 163 0.39 -0.74 -9.54
CA GLY A 163 -0.98 -0.63 -9.04
C GLY A 163 -1.00 0.64 -8.22
N THR A 164 -2.09 1.41 -8.19
CA THR A 164 -2.16 2.60 -7.35
C THR A 164 -2.54 2.23 -5.91
N ASP A 165 -1.63 1.48 -5.28
CA ASP A 165 -1.88 0.99 -3.94
C ASP A 165 -0.54 0.44 -3.46
N SER A 166 -0.08 0.79 -2.26
CA SER A 166 1.19 0.36 -1.69
C SER A 166 1.17 -1.12 -1.41
N HIS A 167 0.07 -1.90 -1.36
CA HIS A 167 0.20 -3.34 -1.17
C HIS A 167 0.16 -4.13 -2.49
N THR A 168 0.31 -3.48 -3.67
CA THR A 168 0.47 -4.17 -4.94
C THR A 168 1.60 -5.24 -4.89
N PRO A 169 2.71 -5.13 -4.14
CA PRO A 169 3.67 -6.22 -3.87
C PRO A 169 3.17 -7.62 -3.50
N ASN A 170 1.91 -7.71 -3.08
CA ASN A 170 1.20 -8.96 -2.83
C ASN A 170 1.36 -9.91 -4.02
N GLY A 171 1.38 -9.40 -5.25
CA GLY A 171 1.55 -10.20 -6.46
C GLY A 171 2.90 -10.90 -6.59
N GLY A 172 3.88 -10.54 -5.71
CA GLY A 172 5.18 -11.19 -5.61
C GLY A 172 5.05 -12.65 -5.17
N GLY A 173 3.90 -13.01 -4.57
CA GLY A 173 3.58 -14.37 -4.17
C GLY A 173 3.39 -15.27 -5.39
N LEU A 174 3.16 -14.70 -6.57
CA LEU A 174 3.14 -15.44 -7.82
C LEU A 174 4.35 -15.10 -8.72
N GLY A 175 5.48 -14.65 -8.18
CA GLY A 175 6.73 -14.51 -8.90
C GLY A 175 6.84 -13.34 -9.85
N GLY A 176 5.95 -12.38 -9.68
CA GLY A 176 5.93 -11.17 -10.49
C GLY A 176 6.52 -10.04 -9.66
N ILE A 177 6.93 -9.00 -10.36
CA ILE A 177 7.40 -7.76 -9.73
C ILE A 177 6.21 -6.79 -9.83
N CYS A 178 5.58 -6.51 -8.69
CA CYS A 178 4.36 -5.74 -8.61
C CYS A 178 4.66 -4.58 -7.67
N ILE A 179 4.52 -3.35 -8.18
CA ILE A 179 5.03 -2.20 -7.48
C ILE A 179 3.93 -1.18 -7.34
N GLY A 180 3.83 -0.62 -6.14
CA GLY A 180 2.85 0.42 -5.83
C GLY A 180 3.33 1.80 -6.26
N VAL A 181 2.42 2.60 -6.81
CA VAL A 181 2.73 3.94 -7.31
C VAL A 181 1.54 4.87 -7.03
N GLY A 182 1.78 6.19 -7.09
CA GLY A 182 0.73 7.20 -7.07
C GLY A 182 -0.02 7.20 -8.40
N GLY A 183 -1.25 7.72 -8.39
CA GLY A 183 -2.08 7.89 -9.59
C GLY A 183 -1.38 8.54 -10.78
N ALA A 184 -0.52 9.54 -10.63
CA ALA A 184 0.17 10.16 -11.76
C ALA A 184 1.19 9.26 -12.42
N ASP A 185 1.80 8.33 -11.69
CA ASP A 185 2.64 7.33 -12.31
C ASP A 185 1.86 6.37 -13.17
N ALA A 186 0.64 5.99 -12.73
CA ALA A 186 -0.21 5.10 -13.51
C ALA A 186 -0.66 5.78 -14.80
N VAL A 187 -0.89 7.10 -14.74
CA VAL A 187 -1.20 7.94 -15.93
C VAL A 187 -0.04 7.85 -16.93
N ASP A 188 1.24 7.94 -16.53
CA ASP A 188 2.35 7.73 -17.45
C ASP A 188 2.22 6.45 -18.23
N VAL A 189 1.99 5.33 -17.54
CA VAL A 189 1.93 4.04 -18.20
C VAL A 189 0.66 3.88 -19.05
N MET A 190 -0.50 4.35 -18.60
CA MET A 190 -1.70 4.26 -19.43
C MET A 190 -1.56 5.17 -20.64
N ALA A 191 -0.77 6.24 -20.52
CA ALA A 191 -0.51 7.14 -21.63
C ALA A 191 0.55 6.55 -22.57
N GLY A 192 1.31 5.50 -22.24
CA GLY A 192 2.29 4.98 -23.16
C GLY A 192 3.68 5.59 -23.01
N ILE A 193 3.93 6.41 -21.99
CA ILE A 193 5.26 6.95 -21.88
C ILE A 193 6.04 6.05 -20.88
N PRO A 194 7.37 5.89 -20.99
CA PRO A 194 8.15 5.01 -20.13
C PRO A 194 8.02 5.38 -18.62
N TRP A 195 7.89 4.40 -17.72
CA TRP A 195 7.78 4.69 -16.30
C TRP A 195 9.17 4.68 -15.69
N GLU A 196 9.57 5.64 -14.86
CA GLU A 196 10.88 5.65 -14.27
C GLU A 196 10.90 5.17 -12.84
N LEU A 197 11.89 4.35 -12.50
CA LEU A 197 12.00 3.85 -11.13
C LEU A 197 13.46 3.86 -10.79
N LYS A 198 13.84 4.32 -9.61
CA LYS A 198 15.21 4.30 -9.14
C LYS A 198 15.58 2.84 -9.00
N CYS A 199 16.76 2.48 -9.54
CA CYS A 199 17.24 1.11 -9.54
C CYS A 199 17.38 0.60 -8.12
N PRO A 200 16.67 -0.46 -7.74
CA PRO A 200 16.71 -0.91 -6.37
C PRO A 200 17.95 -1.68 -5.96
N LYS A 201 18.24 -1.56 -4.67
CA LYS A 201 19.16 -2.46 -3.97
C LYS A 201 18.37 -3.77 -3.79
N VAL A 202 18.96 -4.89 -3.45
CA VAL A 202 18.24 -6.15 -3.33
C VAL A 202 18.64 -6.72 -1.97
N ILE A 203 17.68 -6.90 -1.06
CA ILE A 203 17.94 -7.55 0.21
C ILE A 203 17.53 -9.01 0.01
N GLY A 204 18.34 -10.00 0.30
CA GLY A 204 17.92 -11.39 0.14
C GLY A 204 17.49 -11.87 1.51
N VAL A 205 16.42 -12.65 1.63
CA VAL A 205 16.04 -13.23 2.91
C VAL A 205 16.03 -14.73 2.65
N LYS A 206 16.95 -15.45 3.29
CA LYS A 206 17.05 -16.88 3.13
C LYS A 206 16.21 -17.59 4.18
N LEU A 207 15.26 -18.38 3.71
CA LEU A 207 14.35 -19.11 4.55
C LEU A 207 14.84 -20.53 4.60
N THR A 208 14.90 -21.00 5.82
CA THR A 208 15.44 -22.31 6.16
C THR A 208 14.38 -23.05 6.95
N GLY A 209 14.43 -24.40 7.05
CA GLY A 209 13.50 -25.18 7.88
C GLY A 209 12.10 -25.21 7.30
N SER A 210 11.06 -25.31 8.13
CA SER A 210 9.71 -25.28 7.63
C SER A 210 8.78 -24.78 8.71
N LEU A 211 7.68 -24.17 8.28
CA LEU A 211 6.66 -23.70 9.20
C LEU A 211 6.01 -24.88 9.91
N SER A 212 5.87 -24.76 11.22
CA SER A 212 5.18 -25.78 11.98
C SER A 212 4.18 -25.19 13.00
N GLY A 213 3.04 -25.88 13.16
CA GLY A 213 2.10 -25.60 14.23
C GLY A 213 1.32 -24.33 14.04
N TRP A 214 1.39 -23.53 15.10
CA TRP A 214 0.74 -22.23 15.07
C TRP A 214 1.47 -21.18 14.22
N THR A 215 2.75 -21.32 13.88
CA THR A 215 3.46 -20.33 13.07
C THR A 215 2.95 -20.34 11.62
N SER A 216 2.73 -19.16 11.08
CA SER A 216 2.11 -19.04 9.80
C SER A 216 2.98 -18.15 8.93
N PRO A 217 2.72 -18.00 7.64
CA PRO A 217 3.40 -17.03 6.79
C PRO A 217 3.44 -15.61 7.36
N LYS A 218 2.37 -15.09 7.97
CA LYS A 218 2.37 -13.75 8.56
C LYS A 218 3.51 -13.55 9.55
N ASP A 219 3.92 -14.57 10.32
CA ASP A 219 4.97 -14.46 11.31
C ASP A 219 6.29 -14.20 10.69
N VAL A 220 6.53 -14.69 9.46
CA VAL A 220 7.79 -14.42 8.76
C VAL A 220 7.89 -12.93 8.52
N ILE A 221 6.86 -12.30 7.95
CA ILE A 221 7.00 -10.86 7.70
C ILE A 221 6.82 -10.03 8.99
N LEU A 222 6.10 -10.45 10.04
CA LEU A 222 6.08 -9.70 11.30
C LEU A 222 7.49 -9.69 11.91
N LYS A 223 8.25 -10.79 11.77
CA LYS A 223 9.62 -10.89 12.25
C LYS A 223 10.59 -10.03 11.43
N VAL A 224 10.58 -10.14 10.10
CA VAL A 224 11.38 -9.31 9.21
C VAL A 224 11.08 -7.82 9.53
N ALA A 225 9.83 -7.37 9.73
CA ALA A 225 9.55 -5.97 10.04
C ALA A 225 10.20 -5.59 11.37
N GLY A 226 10.18 -6.42 12.41
CA GLY A 226 10.86 -6.08 13.66
C GLY A 226 12.37 -5.97 13.45
N ILE A 227 12.96 -6.80 12.57
CA ILE A 227 14.39 -6.79 12.28
C ILE A 227 14.81 -5.55 11.47
N LEU A 228 14.14 -5.32 10.33
CA LEU A 228 14.49 -4.24 9.44
C LEU A 228 13.99 -2.86 9.81
N THR A 229 12.91 -2.78 10.58
CA THR A 229 12.16 -1.63 11.03
C THR A 229 11.38 -1.03 9.86
N VAL A 230 10.41 -0.13 10.06
CA VAL A 230 9.62 0.43 8.97
C VAL A 230 10.46 1.17 7.93
N LYS A 231 11.70 1.55 8.23
CA LYS A 231 12.44 2.21 7.18
C LYS A 231 13.57 1.36 6.62
N GLY A 232 13.74 0.11 7.06
CA GLY A 232 14.88 -0.68 6.65
C GLY A 232 14.82 -1.15 5.22
N GLY A 233 13.68 -1.28 4.54
CA GLY A 233 13.66 -1.77 3.17
C GLY A 233 13.61 -0.65 2.16
N THR A 234 13.66 0.63 2.56
CA THR A 234 13.56 1.75 1.62
C THR A 234 14.55 1.63 0.44
N GLY A 235 14.12 1.71 -0.82
CA GLY A 235 15.05 1.72 -1.95
C GLY A 235 15.47 0.32 -2.34
N ALA A 236 14.95 -0.74 -1.71
CA ALA A 236 15.32 -2.09 -2.03
C ALA A 236 14.15 -3.00 -2.40
N ILE A 237 14.40 -4.06 -3.16
CA ILE A 237 13.43 -5.13 -3.34
C ILE A 237 13.87 -6.26 -2.41
N VAL A 238 12.92 -6.94 -1.76
CA VAL A 238 13.21 -8.06 -0.88
C VAL A 238 12.99 -9.35 -1.65
N GLU A 239 14.02 -10.18 -1.74
CA GLU A 239 13.98 -11.39 -2.52
C GLU A 239 14.13 -12.60 -1.61
N TYR A 240 13.05 -13.33 -1.45
CA TYR A 240 13.03 -14.50 -0.61
C TYR A 240 13.56 -15.66 -1.42
N HIS A 241 14.37 -16.48 -0.75
CA HIS A 241 14.96 -17.65 -1.41
C HIS A 241 15.29 -18.66 -0.30
N GLY A 242 15.80 -19.84 -0.64
CA GLY A 242 16.14 -20.81 0.38
C GLY A 242 15.23 -22.04 0.34
N PRO A 243 15.67 -23.13 0.99
CA PRO A 243 14.91 -24.36 1.14
C PRO A 243 13.56 -24.22 1.85
N GLY A 244 13.43 -23.26 2.75
CA GLY A 244 12.20 -23.07 3.50
C GLY A 244 11.06 -22.59 2.63
N VAL A 245 11.34 -22.01 1.44
CA VAL A 245 10.30 -21.52 0.56
C VAL A 245 9.26 -22.57 0.18
N ASP A 246 9.62 -23.83 -0.06
CA ASP A 246 8.65 -24.82 -0.51
C ASP A 246 7.68 -25.29 0.54
N SER A 247 7.90 -24.86 1.77
CA SER A 247 7.04 -25.06 2.90
C SER A 247 5.91 -24.03 2.89
N ILE A 248 5.86 -23.00 2.02
CA ILE A 248 4.87 -21.93 2.13
C ILE A 248 3.90 -22.03 0.95
N SER A 249 2.58 -21.90 1.17
CA SER A 249 1.57 -21.94 0.11
C SER A 249 1.73 -20.69 -0.75
N CYS A 250 1.17 -20.64 -1.95
CA CYS A 250 1.20 -19.46 -2.78
C CYS A 250 0.50 -18.28 -2.11
N THR A 251 -0.67 -18.36 -1.44
CA THR A 251 -1.22 -17.20 -0.78
C THR A 251 -0.43 -16.81 0.46
N GLY A 252 0.29 -17.78 1.02
CA GLY A 252 1.20 -17.50 2.10
C GLY A 252 2.36 -16.67 1.61
N MET A 253 2.89 -16.93 0.41
CA MET A 253 3.99 -16.14 -0.10
C MET A 253 3.47 -14.76 -0.41
N ALA A 254 2.23 -14.64 -0.92
CA ALA A 254 1.63 -13.35 -1.19
C ALA A 254 1.50 -12.55 0.11
N THR A 255 1.12 -13.18 1.24
CA THR A 255 1.04 -12.53 2.56
C THR A 255 2.37 -11.90 2.95
N ILE A 256 3.45 -12.67 2.79
CA ILE A 256 4.78 -12.17 3.12
C ILE A 256 5.22 -11.01 2.17
N CYS A 257 5.00 -11.13 0.85
CA CYS A 257 5.37 -10.07 -0.09
C CYS A 257 4.54 -8.79 0.18
N ASN A 258 3.25 -9.00 0.48
CA ASN A 258 2.31 -7.92 0.80
C ASN A 258 2.86 -6.98 1.89
N MET A 259 3.19 -7.53 3.07
CA MET A 259 3.54 -6.67 4.17
C MET A 259 4.97 -6.14 4.14
N GLY A 260 5.73 -6.47 3.06
CA GLY A 260 7.03 -5.85 2.81
C GLY A 260 6.83 -4.37 2.57
N ALA A 261 5.58 -3.97 2.30
CA ALA A 261 5.26 -2.54 2.18
C ALA A 261 5.53 -1.78 3.50
N GLU A 262 5.38 -2.43 4.64
CA GLU A 262 5.60 -1.80 5.93
C GLU A 262 7.03 -1.60 6.36
N ILE A 263 8.00 -2.12 5.58
CA ILE A 263 9.40 -1.78 5.83
C ILE A 263 9.86 -0.81 4.73
N GLY A 264 8.97 -0.31 3.87
CA GLY A 264 9.28 0.68 2.84
C GLY A 264 9.95 0.12 1.59
N ALA A 265 9.94 -1.20 1.44
CA ALA A 265 10.57 -1.86 0.32
C ALA A 265 9.94 -1.42 -0.98
N THR A 266 10.65 -1.35 -2.12
CA THR A 266 9.98 -1.10 -3.39
C THR A 266 8.98 -2.22 -3.77
N THR A 267 9.28 -3.49 -3.44
CA THR A 267 8.41 -4.64 -3.61
C THR A 267 9.17 -5.85 -3.08
N SER A 268 8.60 -7.07 -3.12
CA SER A 268 9.20 -8.30 -2.65
C SER A 268 8.79 -9.36 -3.68
N VAL A 269 9.54 -10.44 -3.78
CA VAL A 269 9.25 -11.49 -4.75
C VAL A 269 9.77 -12.83 -4.24
N PHE A 270 9.15 -13.91 -4.71
CA PHE A 270 9.53 -15.28 -4.44
C PHE A 270 9.85 -15.90 -5.81
N PRO A 271 10.75 -16.89 -5.98
CA PRO A 271 11.03 -17.57 -7.25
C PRO A 271 9.91 -18.50 -7.67
N TYR A 272 9.71 -18.65 -8.96
CA TYR A 272 8.69 -19.54 -9.46
C TYR A 272 8.95 -20.95 -8.92
N ASN A 273 7.94 -21.63 -8.36
CA ASN A 273 8.13 -22.95 -7.82
C ASN A 273 6.81 -23.68 -7.96
N HIS A 274 6.82 -24.92 -7.48
CA HIS A 274 5.67 -25.81 -7.65
C HIS A 274 4.45 -25.34 -6.87
N ARG A 275 4.51 -24.59 -5.77
CA ARG A 275 3.28 -24.12 -5.09
C ARG A 275 2.59 -23.07 -5.95
N MET A 276 3.35 -22.28 -6.71
CA MET A 276 2.79 -21.29 -7.60
C MET A 276 2.08 -21.97 -8.74
N LYS A 277 2.74 -22.99 -9.30
CA LYS A 277 2.19 -23.75 -10.38
C LYS A 277 0.84 -24.35 -10.02
N LYS A 278 0.76 -24.90 -8.80
CA LYS A 278 -0.48 -25.48 -8.28
C LYS A 278 -1.57 -24.41 -8.20
N TYR A 279 -1.22 -23.24 -7.68
CA TYR A 279 -2.19 -22.17 -7.57
C TYR A 279 -2.67 -21.72 -8.95
N LEU A 280 -1.77 -21.56 -9.95
CA LEU A 280 -2.13 -21.18 -11.30
C LEU A 280 -3.06 -22.19 -11.92
N SER A 281 -2.80 -23.48 -11.78
CA SER A 281 -3.69 -24.51 -12.33
C SER A 281 -5.05 -24.49 -11.65
N LYS A 282 -5.14 -24.31 -10.33
CA LYS A 282 -6.40 -24.26 -9.64
C LYS A 282 -7.14 -22.97 -10.00
N THR A 283 -6.47 -21.94 -10.54
CA THR A 283 -7.21 -20.74 -10.90
C THR A 283 -7.42 -20.63 -12.40
N GLY A 284 -7.52 -21.77 -13.05
CA GLY A 284 -7.80 -21.85 -14.48
C GLY A 284 -6.66 -21.39 -15.37
N ARG A 285 -5.41 -21.41 -14.91
CA ARG A 285 -4.29 -20.88 -15.69
C ARG A 285 -3.15 -21.88 -15.82
N ALA A 286 -3.53 -23.15 -16.05
CA ALA A 286 -2.59 -24.23 -16.29
C ALA A 286 -1.69 -23.94 -17.49
N ASP A 287 -2.15 -23.28 -18.56
CA ASP A 287 -1.37 -22.89 -19.72
C ASP A 287 -0.26 -21.90 -19.37
N ILE A 288 -0.52 -20.92 -18.50
CA ILE A 288 0.50 -19.98 -18.02
C ILE A 288 1.52 -20.78 -17.19
N ALA A 289 1.14 -21.70 -16.30
CA ALA A 289 2.11 -22.47 -15.54
C ALA A 289 3.00 -23.29 -16.46
N ASN A 290 2.42 -23.83 -17.55
CA ASN A 290 3.15 -24.64 -18.51
C ASN A 290 4.11 -23.76 -19.24
N LEU A 291 3.72 -22.54 -19.67
CA LEU A 291 4.67 -21.65 -20.32
C LEU A 291 5.82 -21.21 -19.39
N ALA A 292 5.48 -20.85 -18.16
CA ALA A 292 6.46 -20.48 -17.15
C ALA A 292 7.38 -21.66 -16.90
N ASP A 293 6.96 -22.94 -16.96
CA ASP A 293 7.89 -24.06 -16.84
C ASP A 293 8.93 -24.04 -17.95
N GLU A 294 8.53 -23.74 -19.19
CA GLU A 294 9.46 -23.61 -20.29
C GLU A 294 10.40 -22.42 -20.13
N PHE A 295 10.03 -21.32 -19.46
CA PHE A 295 10.97 -20.21 -19.28
C PHE A 295 11.54 -20.03 -17.87
N LYS A 296 11.54 -21.15 -17.13
CA LYS A 296 11.87 -21.19 -15.72
C LYS A 296 13.21 -20.64 -15.33
N ASP A 297 14.24 -20.75 -16.16
CA ASP A 297 15.56 -20.20 -15.86
C ASP A 297 15.57 -18.73 -15.59
N HIS A 298 14.66 -18.06 -16.29
CA HIS A 298 14.52 -16.61 -16.18
C HIS A 298 13.62 -16.20 -15.01
N LEU A 299 13.00 -17.16 -14.30
CA LEU A 299 11.99 -16.92 -13.27
C LEU A 299 12.47 -17.37 -11.88
N VAL A 300 13.78 -17.64 -11.75
CA VAL A 300 14.44 -17.97 -10.49
C VAL A 300 15.75 -17.15 -10.47
N PRO A 301 16.43 -16.85 -9.35
CA PRO A 301 17.69 -16.11 -9.39
C PRO A 301 18.84 -16.91 -9.98
N ASP A 302 19.84 -16.21 -10.49
CA ASP A 302 21.01 -16.88 -10.99
C ASP A 302 21.82 -17.38 -9.82
N SER A 303 22.57 -18.43 -10.14
CA SER A 303 23.40 -19.06 -9.13
C SER A 303 24.46 -18.06 -8.72
N GLY A 304 24.64 -17.90 -7.40
CA GLY A 304 25.63 -16.98 -6.88
C GLY A 304 25.32 -15.50 -7.09
N CYS A 305 24.07 -15.05 -7.21
CA CYS A 305 23.82 -13.62 -7.36
C CYS A 305 24.10 -12.86 -6.04
N HIS A 306 24.46 -11.57 -6.11
CA HIS A 306 24.84 -10.81 -4.91
C HIS A 306 23.68 -10.02 -4.33
N TYR A 307 23.37 -10.25 -3.08
CA TYR A 307 22.40 -9.47 -2.32
C TYR A 307 23.12 -8.38 -1.55
N ASP A 308 22.59 -7.18 -1.50
CA ASP A 308 23.21 -6.08 -0.78
C ASP A 308 23.11 -6.30 0.71
N GLN A 309 22.14 -7.05 1.17
CA GLN A 309 22.01 -7.38 2.59
C GLN A 309 21.44 -8.77 2.59
N LEU A 310 21.81 -9.65 3.51
CA LEU A 310 21.26 -10.98 3.55
C LEU A 310 20.80 -11.20 4.95
N ILE A 311 19.61 -11.75 5.10
CA ILE A 311 19.00 -12.05 6.38
C ILE A 311 18.63 -13.52 6.29
N GLU A 312 18.78 -14.35 7.32
CA GLU A 312 18.36 -15.74 7.26
C GLU A 312 17.36 -15.97 8.36
N ILE A 313 16.24 -16.58 8.01
CA ILE A 313 15.24 -16.91 8.98
C ILE A 313 14.98 -18.43 8.93
N ASN A 314 15.13 -19.00 10.11
CA ASN A 314 14.87 -20.41 10.30
C ASN A 314 13.41 -20.52 10.68
N LEU A 315 12.59 -20.97 9.74
CA LEU A 315 11.17 -21.15 9.90
C LEU A 315 10.81 -22.12 11.01
N SER A 316 11.66 -23.13 11.25
CA SER A 316 11.38 -24.11 12.30
C SER A 316 11.48 -23.49 13.70
N GLU A 317 12.37 -22.54 13.96
CA GLU A 317 12.41 -21.90 15.26
C GLU A 317 11.47 -20.70 15.40
N LEU A 318 10.88 -20.21 14.29
CA LEU A 318 9.97 -19.08 14.34
C LEU A 318 8.69 -19.40 15.11
N LYS A 319 8.32 -18.53 16.03
CA LYS A 319 7.11 -18.69 16.80
C LYS A 319 6.10 -17.58 16.50
N PRO A 320 4.82 -17.71 16.82
CA PRO A 320 3.78 -16.69 16.56
C PRO A 320 4.13 -15.28 17.08
N HIS A 321 3.85 -14.21 16.34
CA HIS A 321 4.17 -12.85 16.68
C HIS A 321 2.93 -12.02 16.61
N ILE A 322 2.94 -10.88 17.27
CA ILE A 322 1.88 -9.91 17.24
C ILE A 322 2.61 -8.57 17.31
N ASN A 323 2.31 -7.68 16.34
CA ASN A 323 3.04 -6.43 16.24
C ASN A 323 2.21 -5.20 16.55
N GLY A 324 2.80 -4.23 17.26
CA GLY A 324 2.11 -3.00 17.58
C GLY A 324 2.26 -2.68 19.07
N PRO A 325 1.61 -1.67 19.64
CA PRO A 325 0.50 -0.97 19.08
C PRO A 325 0.63 0.17 18.13
N PHE A 326 1.58 1.01 17.78
CA PHE A 326 1.12 2.08 16.81
C PHE A 326 1.93 2.13 15.50
N THR A 327 2.87 1.18 15.45
CA THR A 327 3.78 0.96 14.34
C THR A 327 3.66 -0.55 14.08
N PRO A 328 3.79 -1.03 12.83
CA PRO A 328 3.84 -2.47 12.54
C PRO A 328 5.21 -3.11 12.80
N ASP A 329 6.30 -2.42 13.18
CA ASP A 329 7.60 -3.02 13.44
C ASP A 329 7.94 -3.20 14.93
N LEU A 330 6.97 -2.97 15.84
CA LEU A 330 7.14 -3.19 17.26
C LEU A 330 6.69 -4.64 17.38
N ALA A 331 7.62 -5.59 17.32
CA ALA A 331 7.30 -6.99 17.25
C ALA A 331 7.35 -7.71 18.57
N HIS A 332 6.36 -8.48 18.99
CA HIS A 332 6.43 -9.24 20.25
C HIS A 332 6.06 -10.66 19.90
N PRO A 333 6.65 -11.69 20.49
CA PRO A 333 6.10 -13.05 20.42
C PRO A 333 4.77 -13.01 21.15
N VAL A 334 3.80 -13.76 20.66
CA VAL A 334 2.50 -13.86 21.30
C VAL A 334 2.67 -14.31 22.77
N ALA A 335 3.61 -15.22 23.07
CA ALA A 335 3.91 -15.60 24.43
C ALA A 335 4.29 -14.44 25.36
N GLU A 336 4.78 -13.30 24.89
CA GLU A 336 5.16 -12.21 25.78
C GLU A 336 4.28 -10.99 25.69
N VAL A 337 3.37 -10.91 24.72
CA VAL A 337 2.61 -9.67 24.58
C VAL A 337 1.79 -9.35 25.83
N GLY A 338 1.25 -10.34 26.54
CA GLY A 338 0.47 -10.13 27.77
C GLY A 338 1.25 -9.37 28.84
N SER A 339 2.51 -9.72 29.03
CA SER A 339 3.35 -9.07 30.03
C SER A 339 3.82 -7.71 29.59
N VAL A 340 4.16 -7.52 28.31
CA VAL A 340 4.58 -6.21 27.84
C VAL A 340 3.39 -5.28 27.90
N ALA A 341 2.20 -5.71 27.51
CA ALA A 341 1.02 -4.85 27.56
C ALA A 341 0.76 -4.35 28.99
N GLU A 342 0.89 -5.26 29.94
CA GLU A 342 0.72 -4.98 31.36
C GLU A 342 1.72 -3.95 31.83
N LYS A 343 2.97 -4.16 31.47
CA LYS A 343 4.03 -3.24 31.81
C LYS A 343 3.83 -1.86 31.17
N GLU A 344 3.38 -1.82 29.91
CA GLU A 344 3.28 -0.58 29.16
C GLU A 344 1.98 0.16 29.30
N GLY A 345 1.01 -0.43 29.96
CA GLY A 345 -0.27 0.20 30.08
C GLY A 345 -1.12 0.06 28.84
N TRP A 346 -0.88 -0.91 27.98
CA TRP A 346 -1.77 -1.14 26.84
C TRP A 346 -2.97 -1.93 27.35
N PRO A 347 -4.23 -1.63 27.02
CA PRO A 347 -5.38 -2.40 27.49
C PRO A 347 -5.28 -3.90 27.15
N LEU A 348 -5.45 -4.73 28.17
CA LEU A 348 -5.38 -6.16 27.98
C LEU A 348 -6.64 -6.77 27.42
N ASP A 349 -7.81 -6.20 27.64
CA ASP A 349 -9.01 -6.78 27.11
C ASP A 349 -9.18 -6.31 25.66
N ILE A 350 -9.51 -7.34 24.86
CA ILE A 350 -9.70 -7.20 23.43
C ILE A 350 -11.16 -6.97 23.13
N ARG A 351 -11.44 -5.80 22.57
CA ARG A 351 -12.82 -5.47 22.29
C ARG A 351 -13.27 -6.09 20.97
N VAL A 352 -12.41 -6.08 19.92
CA VAL A 352 -12.82 -6.62 18.63
C VAL A 352 -11.61 -7.35 18.04
N GLY A 353 -11.86 -8.51 17.44
CA GLY A 353 -10.86 -9.27 16.68
C GLY A 353 -11.31 -9.20 15.21
N LEU A 354 -10.45 -8.79 14.30
CA LEU A 354 -10.85 -8.63 12.90
C LEU A 354 -9.95 -9.41 11.93
N ILE A 355 -10.46 -10.33 11.12
CA ILE A 355 -9.64 -11.03 10.18
C ILE A 355 -10.04 -10.55 8.79
N GLY A 356 -9.06 -10.48 7.92
CA GLY A 356 -9.26 -9.95 6.59
C GLY A 356 -8.06 -9.12 6.18
N SER A 357 -8.42 -8.15 5.35
CA SER A 357 -7.53 -7.31 4.57
C SER A 357 -6.82 -8.13 3.48
N CYS A 358 -6.17 -7.43 2.52
CA CYS A 358 -5.41 -8.08 1.46
C CYS A 358 -4.29 -9.00 1.97
N THR A 359 -3.80 -8.68 3.18
CA THR A 359 -2.69 -9.42 3.73
C THR A 359 -3.13 -10.79 4.17
N ASN A 360 -4.38 -11.01 4.60
CA ASN A 360 -4.76 -12.26 5.22
C ASN A 360 -6.21 -12.59 5.08
N SER A 361 -6.62 -12.75 3.82
CA SER A 361 -8.01 -13.03 3.53
C SER A 361 -8.20 -14.18 2.57
N SER A 362 -7.21 -15.07 2.42
CA SER A 362 -7.27 -16.13 1.45
C SER A 362 -8.14 -17.28 1.92
N TYR A 363 -8.42 -18.24 1.03
CA TYR A 363 -9.08 -19.47 1.41
C TYR A 363 -8.38 -20.19 2.56
N GLU A 364 -7.03 -20.31 2.48
CA GLU A 364 -6.27 -20.95 3.53
C GLU A 364 -6.38 -20.21 4.88
N ASP A 365 -6.39 -18.87 4.89
CA ASP A 365 -6.52 -18.11 6.12
C ASP A 365 -7.89 -18.34 6.76
N MET A 366 -8.95 -18.41 5.94
CA MET A 366 -10.29 -18.69 6.41
C MET A 366 -10.35 -20.14 6.93
N GLY A 367 -9.67 -21.11 6.33
CA GLY A 367 -9.64 -22.48 6.81
C GLY A 367 -8.90 -22.58 8.13
N ARG A 368 -7.75 -21.95 8.25
CA ARG A 368 -6.99 -22.00 9.49
C ARG A 368 -7.77 -21.32 10.62
N SER A 369 -8.43 -20.17 10.43
CA SER A 369 -9.31 -19.58 11.44
C SER A 369 -10.47 -20.53 11.79
N ALA A 370 -11.17 -21.10 10.80
CA ALA A 370 -12.26 -22.02 11.08
C ALA A 370 -11.79 -23.20 11.89
N ALA A 371 -10.54 -23.67 11.70
CA ALA A 371 -9.99 -24.77 12.46
C ALA A 371 -9.81 -24.45 13.95
N VAL A 372 -9.58 -23.20 14.34
CA VAL A 372 -9.45 -22.80 15.75
C VAL A 372 -10.87 -22.71 16.31
N ALA A 373 -11.72 -22.01 15.56
CA ALA A 373 -13.09 -21.85 15.94
C ALA A 373 -13.82 -23.17 16.09
N LYS A 374 -13.66 -24.22 15.27
CA LYS A 374 -14.42 -25.46 15.47
C LYS A 374 -14.09 -26.15 16.77
N GLN A 375 -12.86 -25.98 17.27
CA GLN A 375 -12.44 -26.54 18.53
C GLN A 375 -13.15 -25.85 19.69
N ALA A 376 -13.31 -24.52 19.61
CA ALA A 376 -13.99 -23.76 20.65
C ALA A 376 -15.46 -24.19 20.69
N LEU A 377 -16.06 -24.30 19.51
CA LEU A 377 -17.42 -24.74 19.36
C LEU A 377 -17.68 -26.14 19.92
N ALA A 378 -16.73 -27.06 19.76
CA ALA A 378 -16.83 -28.42 20.26
C ALA A 378 -16.86 -28.43 21.79
N HIS A 379 -16.37 -27.37 22.43
CA HIS A 379 -16.46 -27.25 23.88
C HIS A 379 -17.55 -26.28 24.34
N GLY A 380 -18.47 -25.93 23.44
CA GLY A 380 -19.54 -25.01 23.77
C GLY A 380 -19.06 -23.60 24.07
N LEU A 381 -17.95 -23.15 23.51
CA LEU A 381 -17.60 -21.74 23.66
C LEU A 381 -17.90 -20.91 22.41
N LYS A 382 -17.99 -19.60 22.59
CA LYS A 382 -18.11 -18.64 21.49
C LYS A 382 -17.15 -17.53 21.85
N CYS A 383 -16.92 -16.59 20.92
CA CYS A 383 -16.04 -15.44 21.12
C CYS A 383 -16.46 -14.55 22.27
N LYS A 384 -15.46 -14.13 23.04
CA LYS A 384 -15.72 -13.19 24.09
C LYS A 384 -15.58 -11.83 23.45
N SER A 385 -14.61 -11.56 22.56
CA SER A 385 -14.52 -10.27 21.86
C SER A 385 -15.53 -10.26 20.72
N GLN A 386 -15.90 -9.08 20.20
CA GLN A 386 -16.66 -9.01 18.95
C GLN A 386 -15.72 -9.55 17.83
N PHE A 387 -16.18 -10.14 16.73
CA PHE A 387 -15.32 -10.83 15.80
C PHE A 387 -15.84 -10.59 14.38
N THR A 388 -15.02 -10.06 13.47
CA THR A 388 -15.52 -9.80 12.12
C THR A 388 -14.60 -10.48 11.12
N ILE A 389 -15.13 -10.89 9.95
CA ILE A 389 -14.41 -11.68 8.97
C ILE A 389 -14.63 -11.06 7.61
N THR A 390 -13.56 -10.74 6.86
CA THR A 390 -13.72 -10.21 5.51
C THR A 390 -13.11 -11.26 4.60
N PRO A 391 -13.88 -11.94 3.74
CA PRO A 391 -13.34 -12.78 2.68
C PRO A 391 -12.65 -11.89 1.64
N GLY A 392 -11.54 -12.35 1.08
CA GLY A 392 -10.77 -11.56 0.11
C GLY A 392 -11.44 -11.26 -1.22
N SER A 393 -12.25 -12.17 -1.76
CA SER A 393 -12.84 -11.99 -3.06
C SER A 393 -14.18 -12.73 -3.04
N GLU A 394 -14.99 -12.54 -4.06
CA GLU A 394 -16.26 -13.24 -4.24
C GLU A 394 -16.07 -14.73 -4.40
N GLN A 395 -15.04 -15.12 -5.12
CA GLN A 395 -14.69 -16.52 -5.26
C GLN A 395 -14.35 -17.13 -3.92
N ILE A 396 -13.49 -16.51 -3.08
CA ILE A 396 -13.26 -17.03 -1.73
C ILE A 396 -14.56 -17.06 -0.90
N ARG A 397 -15.40 -16.02 -0.89
CA ARG A 397 -16.65 -16.01 -0.14
C ARG A 397 -17.52 -17.18 -0.56
N ALA A 398 -17.75 -17.39 -1.86
CA ALA A 398 -18.57 -18.48 -2.36
C ALA A 398 -17.97 -19.84 -1.99
N THR A 399 -16.65 -20.02 -2.09
CA THR A 399 -16.04 -21.27 -1.74
C THR A 399 -16.00 -21.53 -0.23
N ILE A 400 -15.73 -20.60 0.68
CA ILE A 400 -15.69 -20.93 2.10
C ILE A 400 -17.09 -21.18 2.62
N GLU A 401 -18.07 -20.63 1.92
CA GLU A 401 -19.47 -20.82 2.26
C GLU A 401 -19.80 -22.28 1.93
N ARG A 402 -19.40 -22.66 0.71
CA ARG A 402 -19.61 -24.01 0.23
C ARG A 402 -18.87 -25.04 1.08
N ASP A 403 -17.64 -24.76 1.43
CA ASP A 403 -16.88 -25.75 2.15
C ASP A 403 -17.10 -25.69 3.62
N GLY A 404 -18.07 -24.91 4.10
CA GLY A 404 -18.45 -24.96 5.50
C GLY A 404 -17.67 -24.05 6.43
N TYR A 405 -16.66 -23.31 6.00
CA TYR A 405 -15.89 -22.47 6.93
C TYR A 405 -16.67 -21.28 7.41
N ALA A 406 -17.44 -20.63 6.53
CA ALA A 406 -18.20 -19.45 6.91
C ALA A 406 -19.22 -19.75 8.01
N GLN A 407 -19.96 -20.88 7.96
CA GLN A 407 -20.91 -21.19 9.03
C GLN A 407 -20.18 -21.45 10.36
N VAL A 408 -19.02 -22.10 10.41
CA VAL A 408 -18.27 -22.28 11.64
C VAL A 408 -17.95 -20.91 12.25
N LEU A 409 -17.48 -19.99 11.42
CA LEU A 409 -17.11 -18.65 11.86
C LEU A 409 -18.31 -17.87 12.32
N ARG A 410 -19.46 -17.98 11.65
CA ARG A 410 -20.70 -17.42 12.19
C ARG A 410 -21.09 -18.07 13.50
N ASP A 411 -21.13 -19.41 13.62
CA ASP A 411 -21.52 -20.05 14.87
C ASP A 411 -20.62 -19.69 16.04
N VAL A 412 -19.31 -19.40 15.96
CA VAL A 412 -18.57 -18.95 17.15
C VAL A 412 -18.86 -17.52 17.51
N GLY A 413 -19.66 -16.78 16.77
CA GLY A 413 -19.95 -15.41 17.13
C GLY A 413 -19.48 -14.40 16.08
N GLY A 414 -19.01 -14.76 14.88
CA GLY A 414 -18.48 -13.77 13.93
C GLY A 414 -19.52 -13.19 13.00
N ILE A 415 -19.23 -12.00 12.47
CA ILE A 415 -20.07 -11.37 11.46
C ILE A 415 -19.19 -11.32 10.19
N VAL A 416 -19.73 -11.85 9.10
CA VAL A 416 -19.02 -11.83 7.82
C VAL A 416 -19.37 -10.51 7.11
N LEU A 417 -18.33 -9.74 6.81
CA LEU A 417 -18.48 -8.45 6.16
C LEU A 417 -18.35 -8.60 4.65
N ALA A 418 -18.75 -7.56 3.91
CA ALA A 418 -18.61 -7.56 2.46
C ALA A 418 -17.12 -7.77 2.04
N ASN A 419 -16.86 -8.22 0.80
CA ASN A 419 -15.53 -8.53 0.27
C ASN A 419 -14.90 -7.16 -0.04
N ALA A 420 -14.36 -6.45 0.96
CA ALA A 420 -13.90 -5.08 0.81
C ALA A 420 -12.95 -4.73 1.94
N CYS A 421 -12.14 -3.67 1.81
CA CYS A 421 -11.18 -3.18 2.80
C CYS A 421 -11.86 -2.95 4.14
N GLY A 422 -12.97 -2.23 4.12
CA GLY A 422 -13.83 -2.05 5.29
C GLY A 422 -13.06 -1.46 6.46
N PRO A 423 -13.00 -2.09 7.65
CA PRO A 423 -12.32 -1.55 8.82
C PRO A 423 -10.84 -1.32 8.62
N CYS A 424 -10.16 -2.02 7.65
CA CYS A 424 -8.77 -1.71 7.40
C CYS A 424 -8.49 -0.25 6.98
N ILE A 425 -9.30 0.51 6.21
CA ILE A 425 -9.02 1.93 5.90
C ILE A 425 -10.03 2.77 6.70
N GLY A 426 -10.57 2.30 7.82
CA GLY A 426 -11.44 3.09 8.65
C GLY A 426 -12.85 3.12 8.12
N GLN A 427 -13.30 2.22 7.23
CA GLN A 427 -14.69 2.24 6.73
C GLN A 427 -15.48 1.27 7.61
N TRP A 428 -15.82 1.75 8.80
CA TRP A 428 -16.35 0.92 9.86
C TRP A 428 -17.22 1.82 10.72
N ASP A 429 -18.50 1.54 10.88
CA ASP A 429 -19.32 2.36 11.75
C ASP A 429 -19.21 1.73 13.15
N ARG A 430 -18.13 2.06 13.83
CA ARG A 430 -17.82 1.49 15.15
C ARG A 430 -18.49 2.24 16.30
N LYS A 431 -19.28 1.56 17.12
CA LYS A 431 -20.06 2.26 18.12
C LYS A 431 -19.84 1.78 19.52
N ASP A 432 -19.08 0.69 19.69
CA ASP A 432 -18.85 0.14 21.03
C ASP A 432 -17.96 0.97 21.96
N ILE A 433 -17.17 1.92 21.49
CA ILE A 433 -16.27 2.74 22.31
C ILE A 433 -16.63 4.19 22.06
N LYS A 434 -16.21 5.16 22.86
CA LYS A 434 -16.45 6.57 22.57
C LYS A 434 -15.18 7.11 21.95
N LYS A 435 -15.12 8.28 21.32
CA LYS A 435 -13.85 8.74 20.77
C LYS A 435 -12.96 9.07 21.98
N GLY A 436 -11.67 8.82 21.86
CA GLY A 436 -10.74 9.04 22.95
C GLY A 436 -10.79 7.92 23.99
N GLU A 437 -11.59 6.87 23.86
CA GLU A 437 -11.58 5.81 24.86
C GLU A 437 -10.44 4.84 24.53
N LYS A 438 -9.63 4.51 25.52
CA LYS A 438 -8.48 3.64 25.36
C LYS A 438 -9.03 2.22 25.24
N ASN A 439 -8.60 1.45 24.22
CA ASN A 439 -9.10 0.09 24.03
C ASN A 439 -8.14 -0.66 23.11
N THR A 440 -8.24 -1.98 23.07
CA THR A 440 -7.37 -2.77 22.24
C THR A 440 -8.19 -3.55 21.21
N ILE A 441 -7.81 -3.51 19.93
CA ILE A 441 -8.40 -4.40 18.94
C ILE A 441 -7.24 -5.23 18.35
N VAL A 442 -7.42 -6.47 17.93
CA VAL A 442 -6.34 -7.22 17.31
C VAL A 442 -6.87 -7.61 15.94
N THR A 443 -6.03 -7.47 14.91
CA THR A 443 -6.41 -7.66 13.52
C THR A 443 -5.45 -8.56 12.76
N SER A 444 -5.82 -9.09 11.59
CA SER A 444 -4.86 -9.77 10.75
C SER A 444 -4.50 -8.85 9.57
N TYR A 445 -4.47 -7.51 9.84
CA TYR A 445 -4.19 -6.51 8.84
C TYR A 445 -2.70 -6.27 8.74
N ASN A 446 -2.27 -5.07 8.42
CA ASN A 446 -0.86 -4.79 8.23
C ASN A 446 -0.45 -3.46 8.81
N ARG A 447 -1.30 -2.48 8.93
CA ARG A 447 -0.89 -1.21 9.51
C ARG A 447 -1.76 -1.00 10.72
N ASN A 448 -1.24 -0.19 11.64
CA ASN A 448 -1.93 0.07 12.89
C ASN A 448 -1.63 1.49 13.38
N PHE A 449 -1.52 2.35 12.40
CA PHE A 449 -1.29 3.76 12.62
C PHE A 449 -2.49 4.39 13.33
N THR A 450 -2.14 5.41 14.13
CA THR A 450 -3.03 6.19 14.97
C THR A 450 -4.34 6.55 14.30
N GLY A 451 -5.49 6.09 14.81
CA GLY A 451 -6.77 6.49 14.29
C GLY A 451 -7.17 5.93 12.94
N ARG A 452 -6.35 5.08 12.33
CA ARG A 452 -6.67 4.55 11.01
C ARG A 452 -7.85 3.60 10.92
N ASN A 453 -8.18 2.79 11.93
CA ASN A 453 -9.26 1.85 11.81
C ASN A 453 -10.60 2.38 12.22
N ASP A 454 -10.65 3.38 13.10
CA ASP A 454 -11.91 3.86 13.65
C ASP A 454 -11.91 5.33 14.03
N ALA A 455 -10.86 6.02 13.60
CA ALA A 455 -10.64 7.44 13.82
C ALA A 455 -10.46 7.77 15.28
N ASN A 456 -10.20 6.80 16.14
CA ASN A 456 -9.99 7.04 17.55
C ASN A 456 -8.51 6.94 17.82
N PRO A 457 -7.78 8.00 18.08
CA PRO A 457 -6.35 7.94 18.34
C PRO A 457 -5.93 7.09 19.55
N GLU A 458 -6.88 6.73 20.41
CA GLU A 458 -6.54 5.91 21.54
C GLU A 458 -6.76 4.42 21.31
N THR A 459 -7.14 3.97 20.12
CA THR A 459 -7.29 2.56 19.85
C THR A 459 -5.89 2.01 19.65
N HIS A 460 -5.62 0.97 20.41
CA HIS A 460 -4.33 0.29 20.39
C HIS A 460 -4.56 -0.87 19.46
N ALA A 461 -4.06 -0.91 18.23
CA ALA A 461 -4.30 -2.03 17.33
C ALA A 461 -3.02 -2.83 17.10
N PHE A 462 -3.19 -4.15 17.18
CA PHE A 462 -2.11 -5.10 17.08
C PHE A 462 -2.39 -5.94 15.85
N VAL A 463 -1.37 -6.23 15.03
CA VAL A 463 -1.57 -7.03 13.83
C VAL A 463 -0.90 -8.39 14.04
N THR A 464 -1.61 -9.44 13.64
CA THR A 464 -1.12 -10.80 13.79
C THR A 464 -1.72 -11.66 12.67
N SER A 465 -1.59 -12.99 12.76
CA SER A 465 -2.18 -13.94 11.84
C SER A 465 -3.68 -14.15 12.11
N PRO A 466 -4.50 -14.57 11.14
CA PRO A 466 -5.91 -14.84 11.37
C PRO A 466 -6.19 -15.94 12.40
N GLU A 467 -5.42 -17.02 12.52
CA GLU A 467 -5.63 -18.04 13.53
C GLU A 467 -5.31 -17.50 14.91
N ILE A 468 -4.33 -16.62 15.13
CA ILE A 468 -4.10 -16.05 16.44
C ILE A 468 -5.23 -15.04 16.72
N VAL A 469 -5.75 -14.22 15.77
CA VAL A 469 -6.89 -13.31 16.04
C VAL A 469 -8.03 -14.17 16.54
N THR A 470 -8.26 -15.33 15.90
CA THR A 470 -9.38 -16.15 16.28
C THR A 470 -9.20 -16.67 17.70
N ALA A 471 -8.00 -17.13 18.04
CA ALA A 471 -7.75 -17.65 19.37
C ALA A 471 -7.86 -16.58 20.45
N LEU A 472 -7.30 -15.39 20.21
CA LEU A 472 -7.41 -14.28 21.14
C LEU A 472 -8.85 -13.76 21.20
N ALA A 473 -9.68 -13.85 20.17
CA ALA A 473 -11.07 -13.39 20.22
C ALA A 473 -11.94 -14.31 21.09
N ILE A 474 -11.59 -15.61 21.07
CA ILE A 474 -12.25 -16.59 21.91
C ILE A 474 -11.86 -16.30 23.35
N ALA A 475 -10.59 -16.08 23.70
CA ALA A 475 -10.20 -15.80 25.07
C ALA A 475 -10.55 -14.40 25.54
N GLY A 476 -10.52 -13.43 24.64
CA GLY A 476 -10.92 -12.08 24.94
C GLY A 476 -9.84 -11.24 25.58
N THR A 477 -8.63 -11.75 25.71
CA THR A 477 -7.59 -11.03 26.38
C THR A 477 -6.25 -11.27 25.69
N LEU A 478 -5.38 -10.26 25.78
CA LEU A 478 -4.00 -10.37 25.33
C LEU A 478 -3.22 -11.27 26.24
N LYS A 479 -3.66 -11.53 27.49
CA LYS A 479 -2.95 -12.45 28.35
C LYS A 479 -3.51 -13.84 28.02
N PHE A 480 -3.20 -14.40 26.87
CA PHE A 480 -3.63 -15.73 26.54
C PHE A 480 -2.67 -16.16 25.45
N ASN A 481 -1.92 -17.22 25.72
CA ASN A 481 -1.01 -17.75 24.74
C ASN A 481 -1.60 -19.05 24.21
N PRO A 482 -2.07 -19.21 22.96
CA PRO A 482 -2.80 -20.37 22.49
C PRO A 482 -1.99 -21.64 22.56
N GLU A 483 -0.67 -21.45 22.51
CA GLU A 483 0.23 -22.57 22.53
C GLU A 483 0.31 -23.20 23.90
N THR A 484 0.20 -22.48 25.00
CA THR A 484 0.37 -23.09 26.30
C THR A 484 -0.85 -23.09 27.23
N ASP A 485 -1.72 -22.07 27.14
CA ASP A 485 -2.83 -21.91 28.04
C ASP A 485 -4.11 -22.65 27.73
N PHE A 486 -4.89 -22.80 28.80
CA PHE A 486 -6.15 -23.53 28.80
C PHE A 486 -7.40 -22.68 28.79
N LEU A 487 -8.44 -23.14 28.11
CA LEU A 487 -9.76 -22.52 28.16
C LEU A 487 -10.62 -23.46 28.99
N THR A 488 -11.79 -23.05 29.45
CA THR A 488 -12.66 -23.93 30.19
C THR A 488 -13.92 -24.12 29.37
N GLY A 489 -14.26 -25.33 28.97
CA GLY A 489 -15.45 -25.58 28.21
C GLY A 489 -16.70 -25.40 29.08
N LYS A 490 -17.81 -25.60 28.38
CA LYS A 490 -19.14 -25.53 28.97
C LYS A 490 -19.28 -26.58 30.10
N ASP A 491 -18.76 -27.76 29.78
CA ASP A 491 -18.76 -28.99 30.56
C ASP A 491 -17.90 -28.92 31.81
N GLY A 492 -17.21 -27.82 32.04
CA GLY A 492 -16.32 -27.69 33.18
C GLY A 492 -14.90 -28.12 32.87
N LYS A 493 -14.58 -28.90 31.82
CA LYS A 493 -13.18 -29.29 31.62
C LYS A 493 -12.27 -28.23 30.96
N LYS A 494 -11.01 -28.21 31.40
CA LYS A 494 -10.01 -27.33 30.83
C LYS A 494 -9.53 -27.99 29.54
N PHE A 495 -9.39 -27.22 28.48
CA PHE A 495 -8.90 -27.79 27.25
C PHE A 495 -7.90 -26.83 26.64
N LYS A 496 -7.04 -27.38 25.80
CA LYS A 496 -6.06 -26.56 25.11
C LYS A 496 -6.41 -26.56 23.63
N LEU A 497 -6.18 -25.41 22.97
CA LEU A 497 -6.32 -25.32 21.53
C LEU A 497 -5.19 -26.06 20.76
N GLU A 498 -5.57 -26.86 19.79
CA GLU A 498 -4.71 -27.57 18.85
C GLU A 498 -4.35 -26.57 17.75
N ALA A 499 -3.09 -26.65 17.33
CA ALA A 499 -2.59 -25.87 16.21
C ALA A 499 -3.46 -26.13 14.99
N PRO A 500 -3.91 -25.10 14.28
CA PRO A 500 -4.82 -25.29 13.16
C PRO A 500 -4.17 -25.98 11.97
N ASP A 501 -4.95 -26.78 11.28
CA ASP A 501 -4.45 -27.32 10.06
C ASP A 501 -5.58 -27.14 9.07
N ALA A 502 -5.23 -26.78 7.84
CA ALA A 502 -6.25 -26.58 6.84
C ALA A 502 -5.69 -26.69 5.43
N ASP A 503 -6.50 -26.98 4.42
CA ASP A 503 -6.03 -27.09 3.06
C ASP A 503 -5.66 -25.71 2.54
N GLU A 504 -4.60 -25.64 1.74
CA GLU A 504 -4.17 -24.36 1.19
C GLU A 504 -5.16 -23.91 0.13
N LEU A 505 -5.77 -24.86 -0.59
CA LEU A 505 -6.64 -24.52 -1.69
C LEU A 505 -7.83 -25.48 -1.59
N PRO A 506 -9.00 -25.21 -2.18
CA PRO A 506 -10.14 -26.11 -2.11
C PRO A 506 -9.80 -27.39 -2.82
N ARG A 507 -10.22 -28.50 -2.22
CA ARG A 507 -10.01 -29.81 -2.81
C ARG A 507 -10.79 -29.85 -4.11
N ALA A 508 -12.04 -29.41 -4.03
CA ALA A 508 -12.81 -29.25 -5.24
C ALA A 508 -12.35 -27.94 -5.90
N GLU A 509 -12.97 -27.54 -7.00
CA GLU A 509 -12.54 -26.32 -7.63
C GLU A 509 -13.08 -25.11 -6.90
N PHE A 510 -12.57 -23.93 -7.16
CA PHE A 510 -13.13 -22.77 -6.53
C PHE A 510 -14.52 -22.59 -7.12
N ASP A 511 -15.44 -22.14 -6.28
CA ASP A 511 -16.75 -21.71 -6.77
C ASP A 511 -16.53 -20.22 -7.10
N PRO A 512 -16.80 -19.76 -8.32
CA PRO A 512 -16.58 -18.38 -8.71
C PRO A 512 -17.50 -17.35 -8.08
N GLY A 513 -18.68 -17.72 -7.56
CA GLY A 513 -19.57 -16.74 -6.96
C GLY A 513 -20.30 -15.94 -8.01
N GLN A 514 -20.85 -14.75 -7.74
CA GLN A 514 -21.54 -14.04 -8.80
C GLN A 514 -20.64 -13.20 -9.68
N ASP A 515 -21.20 -12.95 -10.87
CA ASP A 515 -20.63 -12.15 -11.95
C ASP A 515 -20.18 -10.78 -11.48
N THR A 516 -18.90 -10.38 -11.46
CA THR A 516 -18.68 -8.99 -11.08
C THR A 516 -17.80 -8.22 -12.01
N TYR A 517 -17.29 -8.82 -13.09
CA TYR A 517 -16.40 -8.11 -14.00
C TYR A 517 -17.19 -7.46 -15.12
N GLN A 518 -16.85 -6.26 -15.53
CA GLN A 518 -17.49 -5.56 -16.62
C GLN A 518 -16.39 -5.23 -17.64
N HIS A 519 -16.39 -5.89 -18.80
CA HIS A 519 -15.38 -5.65 -19.82
C HIS A 519 -15.69 -4.31 -20.55
N PRO A 520 -14.72 -3.46 -20.98
CA PRO A 520 -15.02 -2.30 -21.79
C PRO A 520 -15.65 -2.68 -23.14
N PRO A 521 -16.60 -1.92 -23.67
CA PRO A 521 -17.02 -2.04 -25.05
C PRO A 521 -15.82 -1.61 -25.87
N LYS A 522 -15.20 -2.39 -26.74
CA LYS A 522 -14.11 -1.80 -27.52
C LYS A 522 -14.47 -1.90 -28.99
N ASP A 523 -15.61 -1.25 -29.02
CA ASP A 523 -16.48 -1.00 -30.13
C ASP A 523 -16.92 0.38 -29.62
N SER A 524 -18.18 0.61 -29.29
CA SER A 524 -18.71 1.86 -28.79
C SER A 524 -17.83 2.89 -28.08
N SER A 525 -17.42 2.78 -26.80
CA SER A 525 -16.63 3.78 -26.10
C SER A 525 -17.17 5.23 -26.22
N GLY A 526 -18.43 5.38 -26.67
CA GLY A 526 -19.10 6.65 -26.91
C GLY A 526 -19.70 7.22 -25.63
N GLN A 527 -19.13 6.87 -24.49
CA GLN A 527 -19.52 7.39 -23.22
C GLN A 527 -18.99 8.82 -23.12
N ARG A 528 -19.91 9.64 -22.62
CA ARG A 528 -19.61 10.99 -22.17
C ARG A 528 -19.37 10.74 -20.67
N VAL A 529 -18.29 11.21 -20.06
CA VAL A 529 -18.14 11.04 -18.62
C VAL A 529 -18.70 12.33 -18.04
N ASP A 530 -19.74 12.26 -17.21
CA ASP A 530 -20.30 13.47 -16.60
C ASP A 530 -19.84 13.65 -15.17
N VAL A 531 -19.37 14.84 -14.88
CA VAL A 531 -18.96 15.20 -13.54
C VAL A 531 -19.80 16.47 -13.35
N SER A 532 -20.85 16.41 -12.53
CA SER A 532 -21.64 17.58 -12.21
C SER A 532 -20.76 18.67 -11.60
N PRO A 533 -20.90 19.92 -12.07
CA PRO A 533 -20.13 21.04 -11.56
C PRO A 533 -20.47 21.41 -10.14
N THR A 534 -21.59 20.95 -9.56
CA THR A 534 -21.87 21.20 -8.14
C THR A 534 -21.63 19.95 -7.30
N SER A 535 -20.95 18.91 -7.82
CA SER A 535 -20.70 17.71 -7.07
C SER A 535 -19.74 18.00 -5.91
N GLN A 536 -20.13 17.34 -4.82
CA GLN A 536 -19.34 17.33 -3.62
C GLN A 536 -18.33 16.21 -3.62
N ARG A 537 -18.42 15.24 -4.54
CA ARG A 537 -17.52 14.09 -4.50
C ARG A 537 -16.57 14.07 -5.67
N LEU A 538 -16.86 14.78 -6.77
CA LEU A 538 -16.02 14.73 -7.94
C LEU A 538 -15.76 16.13 -8.46
N GLN A 539 -14.54 16.47 -8.87
CA GLN A 539 -14.27 17.80 -9.40
C GLN A 539 -13.17 17.65 -10.44
N LEU A 540 -13.37 18.17 -11.66
CA LEU A 540 -12.32 18.19 -12.66
C LEU A 540 -11.19 19.11 -12.15
N LEU A 541 -9.99 18.73 -12.53
CA LEU A 541 -8.80 19.44 -12.16
C LEU A 541 -8.54 20.66 -13.05
N GLU A 542 -8.09 21.70 -12.37
CA GLU A 542 -7.58 22.92 -12.96
C GLU A 542 -6.05 22.74 -12.82
N PRO A 543 -5.22 22.96 -13.85
CA PRO A 543 -3.77 22.78 -13.77
C PRO A 543 -3.11 23.70 -12.78
N PHE A 544 -2.04 23.21 -12.16
CA PHE A 544 -1.28 24.02 -11.23
C PHE A 544 -0.43 24.97 -12.08
N ASP A 545 0.00 26.06 -11.44
CA ASP A 545 0.85 27.11 -11.98
C ASP A 545 2.24 26.54 -12.37
N LYS A 546 2.84 27.08 -13.42
CA LYS A 546 4.18 26.77 -13.90
C LYS A 546 5.14 27.44 -12.93
N TRP A 547 6.40 27.04 -12.80
CA TRP A 547 7.36 27.78 -11.96
C TRP A 547 7.57 29.19 -12.53
N ASP A 548 7.58 30.26 -11.74
CA ASP A 548 7.79 31.64 -12.17
C ASP A 548 9.23 31.98 -12.57
N GLY A 549 10.19 31.10 -12.35
CA GLY A 549 11.57 31.36 -12.76
C GLY A 549 12.38 31.91 -11.61
N LYS A 550 11.78 32.15 -10.44
CA LYS A 550 12.49 32.76 -9.35
C LYS A 550 12.77 31.79 -8.22
N ASP A 551 13.70 32.20 -7.33
CA ASP A 551 13.96 31.42 -6.15
C ASP A 551 12.81 31.59 -5.18
N LEU A 552 12.78 30.76 -4.16
CA LEU A 552 11.67 30.79 -3.23
C LEU A 552 12.14 31.54 -2.01
N GLU A 553 11.81 32.82 -1.90
CA GLU A 553 12.26 33.55 -0.75
C GLU A 553 11.17 33.82 0.27
N ASP A 554 11.63 33.87 1.53
CA ASP A 554 10.82 34.20 2.70
C ASP A 554 9.57 33.38 2.82
N LEU A 555 9.84 32.08 2.73
CA LEU A 555 8.82 31.08 2.90
C LEU A 555 8.46 30.99 4.37
N GLN A 556 7.18 30.90 4.64
CA GLN A 556 6.67 30.69 5.98
C GLN A 556 6.69 29.20 6.29
N ILE A 557 6.98 28.75 7.52
CA ILE A 557 6.86 27.33 7.87
C ILE A 557 5.39 27.10 8.27
N LEU A 558 4.59 26.29 7.57
CA LEU A 558 3.24 26.00 8.02
C LEU A 558 3.33 25.16 9.29
N ILE A 559 4.21 24.14 9.36
CA ILE A 559 4.33 23.25 10.52
C ILE A 559 5.68 22.51 10.41
N LYS A 560 6.34 22.37 11.56
CA LYS A 560 7.51 21.55 11.74
C LYS A 560 6.94 20.41 12.55
N VAL A 561 6.94 19.26 11.91
CA VAL A 561 6.41 18.02 12.42
C VAL A 561 7.48 17.26 13.23
N LYS A 562 7.03 16.66 14.32
CA LYS A 562 7.90 15.90 15.20
C LYS A 562 7.62 14.44 15.00
N GLY A 563 8.60 13.55 14.83
CA GLY A 563 8.34 12.11 14.86
C GLY A 563 7.65 11.58 13.60
N LYS A 564 6.94 10.46 13.82
CA LYS A 564 6.29 9.67 12.79
C LYS A 564 5.20 10.42 12.05
N CYS A 565 5.32 10.52 10.74
CA CYS A 565 4.31 11.21 9.98
C CYS A 565 4.12 10.48 8.64
N THR A 566 3.19 9.56 8.76
CA THR A 566 2.63 8.66 7.76
C THR A 566 1.76 9.45 6.75
N THR A 567 1.35 8.88 5.60
CA THR A 567 0.34 9.55 4.77
C THR A 567 -1.04 9.50 5.43
N ASP A 568 -1.32 8.65 6.42
CA ASP A 568 -2.56 8.68 7.17
C ASP A 568 -2.57 9.84 8.14
N HIS A 569 -1.41 10.38 8.53
CA HIS A 569 -1.34 11.62 9.30
C HIS A 569 -1.51 12.87 8.39
N ILE A 570 -1.00 12.76 7.15
CA ILE A 570 -1.02 13.86 6.22
C ILE A 570 -2.38 13.98 5.56
N SER A 571 -3.00 12.90 5.13
CA SER A 571 -4.28 12.92 4.51
C SER A 571 -5.02 11.64 4.98
N ALA A 572 -5.69 11.78 6.12
CA ALA A 572 -6.52 10.74 6.68
C ALA A 572 -7.53 10.08 5.73
N ALA A 573 -7.80 8.80 6.00
CA ALA A 573 -8.74 8.04 5.20
C ALA A 573 -10.08 7.95 5.96
N GLY A 574 -10.72 6.80 6.16
CA GLY A 574 -11.97 6.71 6.89
C GLY A 574 -13.02 7.59 6.20
N PRO A 575 -13.62 8.56 6.92
CA PRO A 575 -14.69 9.41 6.39
C PRO A 575 -14.30 10.34 5.25
N TRP A 576 -13.02 10.67 5.18
CA TRP A 576 -12.50 11.52 4.10
C TRP A 576 -12.47 10.79 2.76
N LEU A 577 -12.68 9.46 2.71
CA LEU A 577 -12.66 8.77 1.42
C LEU A 577 -13.76 9.24 0.47
N LYS A 578 -14.81 9.77 1.06
CA LYS A 578 -15.94 10.36 0.35
C LYS A 578 -15.54 11.48 -0.63
N PHE A 579 -14.43 12.14 -0.33
CA PHE A 579 -13.96 13.25 -1.14
C PHE A 579 -12.73 12.87 -1.96
N ARG A 580 -12.39 11.59 -2.23
CA ARG A 580 -11.18 11.28 -2.96
C ARG A 580 -11.15 11.70 -4.44
N GLY A 581 -12.28 12.08 -5.02
CA GLY A 581 -12.33 12.64 -6.35
C GLY A 581 -12.53 14.15 -6.29
N HIS A 582 -12.44 14.83 -5.13
CA HIS A 582 -12.73 16.25 -5.03
C HIS A 582 -11.56 16.93 -4.28
N LEU A 583 -10.59 17.51 -4.99
CA LEU A 583 -9.39 18.05 -4.38
C LEU A 583 -9.63 19.14 -3.34
N ASP A 584 -10.56 20.07 -3.62
CA ASP A 584 -10.73 21.11 -2.62
C ASP A 584 -11.40 20.62 -1.35
N ASN A 585 -12.32 19.65 -1.45
CA ASN A 585 -12.99 19.19 -0.27
C ASN A 585 -12.10 18.32 0.59
N ILE A 586 -11.28 17.46 -0.02
CA ILE A 586 -10.42 16.58 0.77
C ILE A 586 -9.24 17.35 1.38
N SER A 587 -8.89 18.53 0.82
CA SER A 587 -7.80 19.33 1.36
C SER A 587 -8.11 19.86 2.75
N ASN A 588 -9.39 19.74 3.19
CA ASN A 588 -9.73 20.11 4.56
C ASN A 588 -9.18 19.13 5.57
N ASN A 589 -8.55 18.00 5.22
CA ASN A 589 -7.91 17.16 6.22
C ASN A 589 -6.40 17.33 6.26
N LEU A 590 -5.82 18.28 5.51
CA LEU A 590 -4.39 18.39 5.42
C LEU A 590 -3.67 18.55 6.75
N LEU A 591 -2.83 17.51 6.95
CA LEU A 591 -1.95 17.37 8.09
C LEU A 591 -2.64 17.47 9.44
N ILE A 592 -3.94 17.14 9.55
CA ILE A 592 -4.59 17.29 10.83
C ILE A 592 -4.09 16.25 11.85
N GLY A 593 -3.40 15.16 11.45
CA GLY A 593 -2.90 14.21 12.42
C GLY A 593 -1.43 14.44 12.75
N ALA A 594 -0.68 15.29 12.08
CA ALA A 594 0.73 15.45 12.39
C ALA A 594 0.95 16.15 13.73
N ILE A 595 1.98 15.82 14.48
CA ILE A 595 2.25 16.45 15.77
C ILE A 595 3.15 17.65 15.51
N ASN A 596 2.72 18.81 15.99
CA ASN A 596 3.50 20.06 15.90
C ASN A 596 4.57 20.07 17.00
N SER A 597 5.85 20.30 16.65
CA SER A 597 6.90 20.32 17.64
C SER A 597 6.67 21.51 18.59
N GLU A 598 6.06 22.65 18.18
CA GLU A 598 5.87 23.82 19.04
C GLU A 598 5.02 23.50 20.26
N ASN A 599 3.92 22.77 20.14
CA ASN A 599 3.09 22.54 21.29
C ASN A 599 2.78 21.09 21.54
N ARG A 600 3.36 20.13 20.81
CA ARG A 600 3.05 18.72 20.94
C ARG A 600 1.60 18.38 20.54
N LYS A 601 0.85 19.27 19.91
CA LYS A 601 -0.52 18.99 19.50
C LYS A 601 -0.70 18.60 18.05
N ALA A 602 -1.77 17.85 17.78
CA ALA A 602 -2.25 17.55 16.43
C ALA A 602 -3.29 18.60 16.03
N ASN A 603 -3.21 19.10 14.80
CA ASN A 603 -4.07 20.11 14.22
C ASN A 603 -4.12 21.43 15.01
N SER A 604 -3.01 21.95 15.50
CA SER A 604 -3.03 23.24 16.18
C SER A 604 -1.70 23.94 15.92
N VAL A 605 -1.74 24.89 14.99
CA VAL A 605 -0.57 25.66 14.58
C VAL A 605 -0.85 27.12 14.71
N ARG A 606 0.23 27.86 14.95
CA ARG A 606 0.16 29.30 15.10
C ARG A 606 0.03 29.98 13.73
N ASN A 607 -1.03 30.74 13.48
CA ASN A 607 -1.07 31.58 12.28
C ASN A 607 -0.09 32.76 12.49
N ALA A 608 0.96 32.89 11.66
CA ALA A 608 1.98 33.93 11.81
C ALA A 608 1.50 35.38 11.73
N VAL A 609 0.37 35.58 11.07
CA VAL A 609 -0.22 36.90 10.88
C VAL A 609 -1.16 37.25 12.01
N THR A 610 -2.08 36.37 12.39
CA THR A 610 -3.06 36.69 13.43
C THR A 610 -2.61 36.32 14.81
N GLN A 611 -1.60 35.47 14.93
CA GLN A 611 -1.12 34.98 16.20
C GLN A 611 -2.14 34.18 16.99
N GLU A 612 -3.04 33.52 16.26
CA GLU A 612 -3.97 32.62 16.87
C GLU A 612 -3.56 31.21 16.53
N PHE A 613 -3.75 30.22 17.41
CA PHE A 613 -3.46 28.83 17.09
C PHE A 613 -4.74 28.24 16.53
N GLY A 614 -4.64 27.43 15.48
CA GLY A 614 -5.82 26.86 14.85
C GLY A 614 -5.52 25.66 13.94
N PRO A 615 -6.53 25.12 13.25
CA PRO A 615 -6.38 24.00 12.36
C PRO A 615 -5.40 24.26 11.22
N VAL A 616 -4.63 23.22 10.94
CA VAL A 616 -3.66 23.31 9.86
C VAL A 616 -4.32 23.66 8.51
N PRO A 617 -5.41 23.06 8.01
CA PRO A 617 -6.01 23.36 6.71
C PRO A 617 -6.44 24.83 6.60
N ASP A 618 -7.03 25.30 7.68
CA ASP A 618 -7.52 26.67 7.73
C ASP A 618 -6.39 27.67 7.67
N THR A 619 -5.30 27.32 8.35
CA THR A 619 -4.13 28.18 8.34
C THR A 619 -3.46 28.18 6.96
N ALA A 620 -3.35 27.02 6.29
CA ALA A 620 -2.77 26.96 4.95
C ALA A 620 -3.69 27.73 4.02
N ARG A 621 -5.00 27.63 4.14
CA ARG A 621 -5.86 28.41 3.25
C ARG A 621 -5.72 29.90 3.51
N TYR A 622 -5.52 30.37 4.75
CA TYR A 622 -5.33 31.78 5.05
C TYR A 622 -4.06 32.22 4.38
N TYR A 623 -2.97 31.48 4.49
CA TYR A 623 -1.73 31.86 3.82
C TYR A 623 -1.89 31.93 2.33
N LYS A 624 -2.54 30.95 1.67
CA LYS A 624 -2.79 30.97 0.24
C LYS A 624 -3.57 32.23 -0.18
N GLN A 625 -4.65 32.55 0.57
CA GLN A 625 -5.47 33.73 0.36
C GLN A 625 -4.62 34.97 0.42
N HIS A 626 -3.63 35.02 1.29
CA HIS A 626 -2.86 36.21 1.42
C HIS A 626 -1.53 36.19 0.70
N GLY A 627 -1.30 35.20 -0.19
CA GLY A 627 -0.07 35.09 -0.95
C GLY A 627 1.16 34.69 -0.14
N ILE A 628 0.99 34.04 1.00
CA ILE A 628 2.13 33.58 1.78
C ILE A 628 2.44 32.15 1.35
N ARG A 629 3.63 31.90 0.79
CA ARG A 629 4.06 30.61 0.28
C ARG A 629 4.67 29.90 1.47
N TRP A 630 4.36 28.62 1.62
CA TRP A 630 4.78 27.92 2.80
C TRP A 630 5.49 26.59 2.54
N VAL A 631 6.05 26.12 3.64
CA VAL A 631 6.91 24.94 3.69
C VAL A 631 6.49 24.07 4.86
N VAL A 632 6.71 22.75 4.77
CA VAL A 632 6.55 21.82 5.90
C VAL A 632 7.95 21.32 6.24
N ILE A 633 8.35 21.24 7.52
CA ILE A 633 9.65 20.68 7.90
C ILE A 633 9.30 19.34 8.54
N GLY A 634 9.92 18.24 8.12
CA GLY A 634 9.57 16.95 8.67
C GLY A 634 10.81 16.24 9.18
N ASP A 635 10.53 15.16 9.89
CA ASP A 635 11.57 14.37 10.54
C ASP A 635 11.96 13.17 9.66
N GLU A 636 12.21 11.98 10.19
CA GLU A 636 12.63 10.81 9.44
C GLU A 636 11.47 10.08 8.78
N ASN A 637 11.69 9.49 7.63
CA ASN A 637 10.71 8.70 6.88
C ASN A 637 9.31 9.35 6.72
N TYR A 638 9.32 10.61 6.32
CA TYR A 638 8.11 11.40 6.14
C TYR A 638 7.36 10.80 4.97
N GLY A 639 6.06 10.58 5.15
CA GLY A 639 5.20 10.10 4.09
C GLY A 639 5.18 8.58 4.05
N GLU A 640 5.62 7.96 5.14
CA GLU A 640 5.52 6.52 5.33
C GLU A 640 4.14 5.99 5.04
N GLY A 641 3.96 4.82 4.45
CA GLY A 641 2.65 4.21 4.39
C GLY A 641 2.03 4.18 3.00
N SER A 642 0.71 4.39 3.03
CA SER A 642 -0.13 4.43 1.88
C SER A 642 0.45 5.30 0.78
N SER A 643 0.17 4.82 -0.43
CA SER A 643 0.58 5.49 -1.66
C SER A 643 -0.29 6.71 -2.03
N ARG A 644 -1.43 7.01 -1.37
CA ARG A 644 -2.36 8.06 -1.77
C ARG A 644 -1.69 9.38 -2.18
N GLU A 645 -1.83 9.73 -3.45
CA GLU A 645 -1.21 10.96 -3.97
C GLU A 645 -1.84 12.26 -3.46
N HIS A 646 -2.98 12.11 -2.77
CA HIS A 646 -3.71 13.25 -2.18
C HIS A 646 -2.80 13.87 -1.11
N SER A 647 -1.86 13.14 -0.50
CA SER A 647 -0.97 13.75 0.46
C SER A 647 0.00 14.68 -0.21
N ALA A 648 0.19 14.58 -1.54
CA ALA A 648 1.03 15.54 -2.25
C ALA A 648 0.18 16.61 -2.99
N LEU A 649 -0.99 16.23 -3.52
CA LEU A 649 -1.90 17.12 -4.20
C LEU A 649 -2.45 18.15 -3.24
N GLU A 650 -2.80 17.75 -2.02
CA GLU A 650 -3.34 18.69 -1.07
C GLU A 650 -2.38 19.80 -0.63
N PRO A 651 -1.10 19.62 -0.23
CA PRO A 651 -0.20 20.74 -0.01
C PRO A 651 0.02 21.59 -1.25
N ARG A 652 0.05 21.06 -2.47
CA ARG A 652 0.23 21.88 -3.66
C ARG A 652 -0.98 22.80 -3.85
N PHE A 653 -2.16 22.24 -3.76
CA PHE A 653 -3.39 22.97 -3.85
C PHE A 653 -3.52 24.11 -2.84
N LEU A 654 -3.09 23.94 -1.60
CA LEU A 654 -3.23 24.97 -0.60
C LEU A 654 -2.00 25.87 -0.46
N GLY A 655 -1.14 25.92 -1.46
CA GLY A 655 -0.10 26.94 -1.50
C GLY A 655 1.28 26.53 -1.04
N GLY A 656 1.50 25.25 -0.71
CA GLY A 656 2.80 24.74 -0.27
C GLY A 656 3.73 24.72 -1.45
N ARG A 657 4.98 24.83 -1.11
CA ARG A 657 6.04 24.91 -2.08
C ARG A 657 7.11 23.82 -1.93
N ALA A 658 7.47 23.45 -0.71
CA ALA A 658 8.53 22.50 -0.49
C ALA A 658 8.27 21.78 0.83
N ILE A 659 8.89 20.60 1.00
CA ILE A 659 8.75 19.74 2.17
C ILE A 659 10.19 19.38 2.40
N ILE A 660 10.76 19.72 3.55
CA ILE A 660 12.16 19.55 3.81
C ILE A 660 12.19 18.60 4.99
N THR A 661 12.83 17.43 4.88
CA THR A 661 12.78 16.42 5.92
C THR A 661 14.17 15.81 6.08
N LYS A 662 14.30 14.93 7.08
CA LYS A 662 15.51 14.14 7.21
C LYS A 662 15.47 13.02 6.19
N SER A 663 14.32 12.40 5.90
CA SER A 663 14.27 11.41 4.84
C SER A 663 12.83 11.25 4.42
N PHE A 664 12.59 10.63 3.28
CA PHE A 664 11.26 10.42 2.73
C PHE A 664 11.02 8.94 2.47
N ALA A 665 9.76 8.53 2.55
CA ALA A 665 9.41 7.24 2.02
C ALA A 665 9.32 7.44 0.49
N ARG A 666 9.62 6.39 -0.30
CA ARG A 666 9.71 6.44 -1.76
C ARG A 666 8.49 6.95 -2.50
N ILE A 667 7.33 6.35 -2.25
CA ILE A 667 6.18 6.70 -3.09
C ILE A 667 5.80 8.16 -2.86
N HIS A 668 5.79 8.61 -1.59
CA HIS A 668 5.47 9.98 -1.30
C HIS A 668 6.46 10.93 -1.91
N GLU A 669 7.78 10.69 -1.83
CA GLU A 669 8.73 11.57 -2.49
C GLU A 669 8.45 11.66 -3.99
N THR A 670 8.17 10.53 -4.66
CA THR A 670 7.82 10.58 -6.09
C THR A 670 6.54 11.37 -6.28
N ASN A 671 5.48 11.20 -5.47
CA ASN A 671 4.24 11.92 -5.65
C ASN A 671 4.45 13.42 -5.48
N LEU A 672 5.33 13.85 -4.56
CA LEU A 672 5.65 15.27 -4.39
C LEU A 672 6.28 15.88 -5.63
N LYS A 673 7.28 15.22 -6.21
CA LYS A 673 7.92 15.68 -7.45
C LYS A 673 6.91 15.69 -8.57
N LYS A 674 6.00 14.71 -8.71
CA LYS A 674 4.98 14.70 -9.75
C LYS A 674 4.02 15.89 -9.71
N GLN A 675 3.78 16.44 -8.50
CA GLN A 675 2.82 17.54 -8.37
C GLN A 675 3.50 18.89 -8.31
N GLY A 676 4.80 18.97 -8.67
CA GLY A 676 5.50 20.22 -8.75
C GLY A 676 5.98 20.80 -7.42
N LEU A 677 6.07 19.97 -6.38
CA LEU A 677 6.61 20.42 -5.09
C LEU A 677 8.05 20.01 -5.04
N LEU A 678 8.80 20.57 -4.11
CA LEU A 678 10.19 20.26 -3.97
C LEU A 678 10.39 19.40 -2.75
N PRO A 679 10.56 18.06 -2.83
CA PRO A 679 10.95 17.26 -1.67
C PRO A 679 12.46 17.38 -1.45
N LEU A 680 12.93 17.94 -0.34
CA LEU A 680 14.36 18.14 -0.14
C LEU A 680 14.77 17.52 1.19
N THR A 681 15.97 16.99 1.28
CA THR A 681 16.41 16.45 2.57
C THR A 681 17.57 17.27 3.11
N PHE A 682 17.71 17.31 4.42
CA PHE A 682 18.85 17.95 5.04
C PHE A 682 20.15 17.26 4.65
N ALA A 683 21.15 18.01 4.19
CA ALA A 683 22.42 17.42 3.90
C ALA A 683 23.03 17.00 5.24
N ASP A 684 22.74 17.70 6.35
CA ASP A 684 23.13 17.24 7.67
C ASP A 684 21.83 17.21 8.44
N PRO A 685 21.30 16.04 8.83
CA PRO A 685 20.05 15.92 9.55
C PRO A 685 20.02 16.64 10.89
N ALA A 686 21.14 17.02 11.51
CA ALA A 686 21.10 17.81 12.74
C ALA A 686 20.60 19.22 12.42
N ASP A 687 20.66 19.71 11.18
CA ASP A 687 20.09 21.01 10.85
C ASP A 687 18.59 21.10 11.08
N TYR A 688 17.89 20.00 11.32
CA TYR A 688 16.49 20.05 11.64
C TYR A 688 16.31 20.87 12.91
N ASN A 689 17.29 20.77 13.80
CA ASN A 689 17.24 21.48 15.08
C ASN A 689 17.60 22.95 15.04
N LYS A 690 18.10 23.44 13.92
CA LYS A 690 18.43 24.84 13.68
C LYS A 690 17.21 25.65 13.26
N ILE A 691 16.17 24.96 12.78
CA ILE A 691 15.00 25.61 12.24
C ILE A 691 13.92 25.61 13.30
N HIS A 692 13.45 26.81 13.57
CA HIS A 692 12.41 27.03 14.56
C HIS A 692 11.14 27.37 13.81
N PRO A 693 9.92 27.06 14.30
CA PRO A 693 8.64 27.39 13.65
C PRO A 693 8.53 28.85 13.19
N VAL A 694 9.20 29.75 13.89
CA VAL A 694 9.15 31.19 13.59
C VAL A 694 10.04 31.68 12.42
N ASP A 695 10.97 30.84 11.92
CA ASP A 695 11.89 31.21 10.88
C ASP A 695 11.25 31.30 9.49
N LYS A 696 11.89 32.13 8.69
CA LYS A 696 11.49 32.22 7.28
C LYS A 696 12.63 31.58 6.54
N LEU A 697 12.36 30.95 5.41
CA LEU A 697 13.40 30.25 4.69
C LEU A 697 13.48 30.72 3.25
N THR A 698 14.68 30.87 2.73
CA THR A 698 14.87 31.15 1.32
C THR A 698 15.57 29.93 0.68
N ILE A 699 14.97 29.32 -0.34
CA ILE A 699 15.62 28.23 -1.03
C ILE A 699 16.21 28.95 -2.25
N GLN A 700 17.50 28.80 -2.51
CA GLN A 700 18.18 29.44 -3.62
C GLN A 700 18.83 28.43 -4.51
N GLY A 701 19.03 28.83 -5.74
CA GLY A 701 19.75 28.00 -6.67
C GLY A 701 18.82 27.26 -7.62
N LEU A 702 17.52 27.59 -7.65
CA LEU A 702 16.57 26.91 -8.50
C LEU A 702 16.82 27.19 -9.96
N LYS A 703 17.56 28.26 -10.25
CA LYS A 703 17.80 28.63 -11.63
C LYS A 703 18.80 27.70 -12.29
N ASP A 704 19.75 27.14 -11.55
CA ASP A 704 20.63 26.15 -12.13
C ASP A 704 20.50 24.86 -11.34
N PHE A 705 19.24 24.53 -11.10
CA PHE A 705 18.80 23.29 -10.44
C PHE A 705 19.40 22.15 -11.29
N ALA A 706 20.08 21.17 -10.70
CA ALA A 706 20.73 20.13 -11.49
C ALA A 706 20.83 18.85 -10.68
N PRO A 707 20.75 17.67 -11.30
CA PRO A 707 20.96 16.37 -10.66
C PRO A 707 22.26 16.38 -9.88
N GLY A 708 22.29 15.91 -8.64
CA GLY A 708 23.53 15.84 -7.88
C GLY A 708 23.99 17.16 -7.26
N LYS A 709 23.51 18.35 -7.63
CA LYS A 709 23.95 19.60 -7.04
C LYS A 709 23.00 19.90 -5.85
N PRO A 710 23.44 20.12 -4.60
CA PRO A 710 22.59 20.63 -3.51
C PRO A 710 22.04 22.05 -3.71
N LEU A 711 20.93 22.37 -3.06
CA LEU A 711 20.32 23.68 -3.09
C LEU A 711 20.72 24.37 -1.81
N THR A 712 20.79 25.70 -1.77
CA THR A 712 21.15 26.34 -0.51
C THR A 712 19.88 26.89 0.13
N CYS A 713 19.80 26.79 1.44
CA CYS A 713 18.67 27.24 2.17
C CYS A 713 19.24 28.23 3.16
N ILE A 714 18.71 29.45 3.17
CA ILE A 714 19.10 30.48 4.13
C ILE A 714 18.01 30.49 5.22
N ILE A 715 18.34 30.24 6.48
CA ILE A 715 17.37 30.28 7.56
C ILE A 715 17.45 31.71 8.08
N LYS A 716 16.37 32.47 8.00
CA LYS A 716 16.34 33.84 8.46
C LYS A 716 15.64 33.84 9.83
N HIS A 717 16.43 33.99 10.88
CA HIS A 717 15.91 34.03 12.24
C HIS A 717 15.42 35.44 12.52
N PRO A 718 14.39 35.60 13.37
CA PRO A 718 13.64 36.84 13.59
C PRO A 718 14.48 37.93 14.22
N ASN A 719 15.40 37.51 15.09
CA ASN A 719 16.39 38.40 15.67
C ASN A 719 17.38 38.96 14.62
N GLY A 720 17.32 38.54 13.36
CA GLY A 720 18.19 39.08 12.34
C GLY A 720 19.28 38.10 11.95
N THR A 721 19.54 37.07 12.75
CA THR A 721 20.58 36.08 12.43
C THR A 721 20.20 35.27 11.20
N GLN A 722 21.08 35.05 10.24
CA GLN A 722 20.82 34.18 9.12
C GLN A 722 21.81 33.03 9.24
N GLU A 723 21.49 31.83 8.75
CA GLU A 723 22.40 30.69 8.74
C GLU A 723 22.19 30.03 7.38
N THR A 724 23.20 29.54 6.68
CA THR A 724 23.03 28.85 5.42
C THR A 724 23.27 27.37 5.63
N ILE A 725 22.37 26.54 5.08
CA ILE A 725 22.51 25.10 5.09
C ILE A 725 22.29 24.63 3.65
N LEU A 726 22.69 23.39 3.36
CA LEU A 726 22.52 22.76 2.06
C LEU A 726 21.48 21.66 2.13
N LEU A 727 20.73 21.56 1.04
CA LEU A 727 19.65 20.60 0.98
C LEU A 727 19.86 19.76 -0.25
N ASN A 728 19.79 18.46 -0.05
CA ASN A 728 19.93 17.51 -1.14
C ASN A 728 18.58 17.18 -1.72
N HIS A 729 18.59 16.69 -2.95
CA HIS A 729 17.41 16.24 -3.69
C HIS A 729 17.87 15.05 -4.58
N THR A 730 16.99 14.20 -5.21
CA THR A 730 17.27 13.00 -5.99
C THR A 730 16.66 13.35 -7.36
N PHE A 731 16.38 14.61 -7.75
CA PHE A 731 15.83 14.88 -9.09
C PHE A 731 16.81 14.55 -10.22
N ASN A 732 16.34 13.92 -11.30
CA ASN A 732 17.12 13.75 -12.52
C ASN A 732 16.57 14.82 -13.49
N GLU A 733 17.03 15.02 -14.76
CA GLU A 733 16.52 16.14 -15.54
C GLU A 733 15.11 15.94 -16.00
N THR A 734 14.61 14.71 -16.11
CA THR A 734 13.20 14.47 -16.38
C THR A 734 12.36 15.11 -15.30
N GLN A 735 12.71 14.86 -14.05
CA GLN A 735 11.92 15.36 -12.94
C GLN A 735 12.05 16.88 -12.76
N ILE A 736 13.21 17.47 -13.07
CA ILE A 736 13.36 18.92 -13.02
C ILE A 736 12.36 19.55 -14.02
N GLU A 737 12.15 18.93 -15.18
CA GLU A 737 11.14 19.41 -16.11
C GLU A 737 9.73 19.39 -15.53
N TRP A 738 9.37 18.43 -14.69
CA TRP A 738 8.07 18.40 -14.02
C TRP A 738 7.97 19.64 -13.12
N PHE A 739 9.02 19.91 -12.34
CA PHE A 739 9.03 21.06 -11.47
C PHE A 739 8.91 22.36 -12.29
N ARG A 740 9.70 22.59 -13.36
CA ARG A 740 9.63 23.84 -14.13
C ARG A 740 8.25 24.00 -14.75
N ALA A 741 7.63 22.93 -15.27
CA ALA A 741 6.28 22.99 -15.79
C ALA A 741 5.18 23.19 -14.74
N GLY A 742 5.41 22.99 -13.46
CA GLY A 742 4.33 23.11 -12.50
C GLY A 742 3.79 21.75 -12.08
N SER A 743 3.95 20.70 -12.88
CA SER A 743 3.58 19.32 -12.54
C SER A 743 4.00 18.40 -13.67
N ALA A 744 4.05 17.08 -13.46
CA ALA A 744 4.35 16.17 -14.55
C ALA A 744 3.22 16.21 -15.58
N LEU A 745 1.97 16.33 -15.15
CA LEU A 745 0.86 16.42 -16.06
C LEU A 745 0.98 17.68 -16.95
N ASN A 746 1.43 18.83 -16.42
CA ASN A 746 1.62 20.04 -17.24
C ASN A 746 2.69 19.83 -18.31
N ARG A 747 3.75 19.10 -17.94
CA ARG A 747 4.87 18.78 -18.81
C ARG A 747 4.39 17.87 -19.94
N MET A 748 3.57 16.87 -19.62
CA MET A 748 3.02 15.95 -20.61
C MET A 748 2.15 16.70 -21.61
N LYS A 749 1.32 17.60 -21.10
CA LYS A 749 0.50 18.38 -21.99
C LYS A 749 1.33 19.33 -22.82
N GLU A 750 2.46 19.87 -22.39
CA GLU A 750 3.30 20.69 -23.23
C GLU A 750 3.81 19.85 -24.40
N LEU A 751 4.30 18.63 -24.18
CA LEU A 751 4.76 17.78 -25.24
C LEU A 751 3.75 17.40 -26.33
N GLN A 752 2.46 17.69 -26.09
CA GLN A 752 1.41 17.51 -27.09
C GLN A 752 1.35 18.68 -28.09
N GLN A 753 2.48 19.37 -28.32
CA GLN A 753 2.73 20.43 -29.30
C GLN A 753 1.83 21.66 -29.25
N LYS A 754 1.18 21.76 -28.11
CA LYS A 754 0.25 22.83 -27.80
C LYS A 754 0.27 22.97 -26.27
#